data_1DP3
#
_entry.id   1DP3
#
_cell.length_a   1.000
_cell.length_b   1.000
_cell.length_c   1.000
_cell.angle_alpha   90.00
_cell.angle_beta   90.00
_cell.angle_gamma   90.00
#
_symmetry.space_group_name_H-M   'P 1'
#
_entity_poly.entity_id   1
_entity_poly.type   'polypeptide(L)'
_entity_poly.pdbx_seq_one_letter_code
;AKVQAYVSDEIVYKINKIVERRRAEGAKSTDVSFSSISTMLLELGLRVYEAQMER
;
_entity_poly.pdbx_strand_id   A
#
# COMPACT_ATOMS: atom_id res chain seq x y z
N ALA A 1 5.59 -7.38 21.42
CA ALA A 1 6.37 -8.16 20.42
C ALA A 1 7.54 -7.32 19.88
N LYS A 2 8.74 -7.64 20.24
CA LYS A 2 9.91 -6.86 19.74
C LYS A 2 11.04 -7.80 19.33
N VAL A 3 11.10 -8.16 18.07
CA VAL A 3 12.19 -9.06 17.60
C VAL A 3 13.17 -8.30 16.72
N GLN A 4 14.10 -7.60 17.33
CA GLN A 4 15.09 -6.82 16.52
C GLN A 4 14.37 -6.00 15.44
N ALA A 5 15.09 -5.56 14.45
CA ALA A 5 14.44 -4.76 13.38
C ALA A 5 13.83 -3.48 13.96
N TYR A 6 14.21 -2.34 13.44
CA TYR A 6 13.65 -1.07 13.97
C TYR A 6 12.15 -0.98 13.67
N VAL A 7 11.40 -0.32 14.52
CA VAL A 7 9.93 -0.20 14.28
C VAL A 7 9.65 0.97 13.34
N SER A 8 9.20 0.69 12.15
CA SER A 8 8.90 1.80 11.18
C SER A 8 7.44 1.71 10.71
N ASP A 9 7.09 2.47 9.71
CA ASP A 9 5.69 2.45 9.21
C ASP A 9 5.33 1.04 8.73
N GLU A 10 5.02 0.15 9.64
CA GLU A 10 4.65 -1.24 9.24
C GLU A 10 3.72 -1.21 8.02
N ILE A 11 2.99 -0.15 7.86
CA ILE A 11 2.05 -0.06 6.69
C ILE A 11 2.81 -0.35 5.40
N VAL A 12 4.12 -0.20 5.41
CA VAL A 12 4.90 -0.47 4.17
C VAL A 12 4.47 -1.80 3.55
N TYR A 13 4.22 -2.80 4.35
CA TYR A 13 3.79 -4.11 3.81
C TYR A 13 2.37 -4.00 3.23
N LYS A 14 1.58 -3.11 3.76
CA LYS A 14 0.19 -2.95 3.24
C LYS A 14 0.22 -2.33 1.84
N ILE A 15 0.92 -1.25 1.67
CA ILE A 15 1.00 -0.61 0.33
C ILE A 15 1.72 -1.54 -0.66
N ASN A 16 2.69 -2.28 -0.20
CA ASN A 16 3.42 -3.20 -1.11
C ASN A 16 2.46 -4.20 -1.75
N LYS A 17 1.49 -4.66 -1.01
CA LYS A 17 0.51 -5.64 -1.57
C LYS A 17 -0.35 -4.95 -2.63
N ILE A 18 -0.71 -3.72 -2.42
CA ILE A 18 -1.55 -3.00 -3.42
C ILE A 18 -0.79 -2.87 -4.75
N VAL A 19 0.35 -2.23 -4.73
CA VAL A 19 1.13 -2.08 -5.99
C VAL A 19 1.21 -3.42 -6.73
N GLU A 20 1.65 -4.45 -6.07
CA GLU A 20 1.74 -5.77 -6.73
C GLU A 20 0.39 -6.14 -7.35
N ARG A 21 -0.68 -5.99 -6.62
CA ARG A 21 -2.02 -6.32 -7.18
C ARG A 21 -2.21 -5.66 -8.54
N ARG A 22 -1.54 -4.56 -8.77
CA ARG A 22 -1.69 -3.87 -10.08
C ARG A 22 -1.21 -4.78 -11.21
N ARG A 23 0.01 -5.22 -11.15
CA ARG A 23 0.53 -6.12 -12.24
C ARG A 23 -0.17 -7.48 -12.16
N ALA A 24 -0.24 -8.05 -10.99
CA ALA A 24 -0.91 -9.38 -10.85
C ALA A 24 -2.22 -9.37 -11.65
N GLU A 25 -2.87 -8.24 -11.70
CA GLU A 25 -4.14 -8.14 -12.46
C GLU A 25 -3.84 -7.89 -13.94
N GLY A 26 -2.74 -7.27 -14.24
CA GLY A 26 -2.39 -7.00 -15.65
C GLY A 26 -2.22 -5.49 -15.86
N ALA A 27 -1.85 -4.78 -14.84
CA ALA A 27 -1.66 -3.31 -14.97
C ALA A 27 -0.77 -3.00 -16.18
N LYS A 28 -0.62 -1.74 -16.52
CA LYS A 28 0.23 -1.39 -17.69
C LYS A 28 1.09 -0.17 -17.36
N SER A 29 2.00 0.18 -18.23
CA SER A 29 2.88 1.36 -17.97
C SER A 29 3.72 1.13 -16.71
N THR A 30 4.91 1.65 -16.69
CA THR A 30 5.79 1.46 -15.49
C THR A 30 5.55 2.59 -14.48
N ASP A 31 4.35 3.09 -14.40
CA ASP A 31 4.05 4.18 -13.44
C ASP A 31 3.73 3.60 -12.06
N VAL A 32 3.33 2.36 -12.00
CA VAL A 32 3.00 1.74 -10.69
C VAL A 32 4.26 1.61 -9.84
N SER A 33 4.16 1.87 -8.56
CA SER A 33 5.36 1.77 -7.68
C SER A 33 4.96 2.02 -6.22
N PHE A 34 5.67 1.44 -5.30
CA PHE A 34 5.33 1.65 -3.86
C PHE A 34 5.02 3.12 -3.59
N SER A 35 6.00 3.98 -3.72
CA SER A 35 5.75 5.43 -3.47
C SER A 35 4.51 5.90 -4.25
N SER A 36 4.34 5.44 -5.45
CA SER A 36 3.16 5.86 -6.26
C SER A 36 1.87 5.40 -5.58
N ILE A 37 1.73 4.13 -5.36
CA ILE A 37 0.49 3.62 -4.70
C ILE A 37 0.36 4.19 -3.28
N SER A 38 1.43 4.66 -2.72
CA SER A 38 1.36 5.24 -1.35
C SER A 38 0.69 6.61 -1.39
N THR A 39 1.17 7.50 -2.22
CA THR A 39 0.56 8.85 -2.30
C THR A 39 -0.97 8.74 -2.44
N MET A 40 -1.43 7.95 -3.37
CA MET A 40 -2.90 7.80 -3.55
C MET A 40 -3.54 7.31 -2.25
N LEU A 41 -2.82 6.57 -1.47
CA LEU A 41 -3.38 6.05 -0.18
C LEU A 41 -3.60 7.20 0.80
N LEU A 42 -2.63 8.06 0.95
CA LEU A 42 -2.79 9.19 1.91
C LEU A 42 -4.09 9.95 1.63
N GLU A 43 -4.56 9.94 0.42
CA GLU A 43 -5.82 10.64 0.11
C GLU A 43 -6.94 9.98 0.91
N LEU A 44 -6.80 8.71 1.14
CA LEU A 44 -7.82 7.97 1.93
C LEU A 44 -7.39 7.86 3.40
N GLY A 45 -6.25 8.42 3.72
CA GLY A 45 -5.76 8.35 5.13
C GLY A 45 -5.88 6.91 5.64
N LEU A 46 -5.51 5.95 4.83
CA LEU A 46 -5.60 4.53 5.26
C LEU A 46 -6.96 4.25 5.90
N ARG A 47 -7.96 5.05 5.60
CA ARG A 47 -9.30 4.83 6.19
C ARG A 47 -9.98 3.61 5.53
N VAL A 48 -11.13 3.80 4.93
CA VAL A 48 -11.82 2.66 4.28
C VAL A 48 -10.82 1.77 3.56
N TYR A 49 -9.72 2.34 3.11
CA TYR A 49 -8.70 1.53 2.40
C TYR A 49 -8.25 0.36 3.28
N GLU A 50 -8.12 0.58 4.56
CA GLU A 50 -7.69 -0.51 5.46
C GLU A 50 -8.77 -1.58 5.56
N ALA A 51 -9.96 -1.29 5.09
CA ALA A 51 -11.05 -2.30 5.16
C ALA A 51 -10.80 -3.41 4.14
N GLN A 52 -10.20 -3.09 3.02
CA GLN A 52 -9.93 -4.13 1.99
C GLN A 52 -9.35 -5.38 2.65
N MET A 53 -8.60 -5.22 3.70
CA MET A 53 -8.01 -6.41 4.39
C MET A 53 -9.02 -7.02 5.36
N GLU A 54 -9.94 -6.23 5.85
CA GLU A 54 -10.95 -6.77 6.81
C GLU A 54 -10.26 -7.64 7.86
N ARG A 55 -11.03 -8.33 8.67
CA ARG A 55 -10.42 -9.19 9.71
C ARG A 55 -9.49 -10.23 9.07
N ALA A 1 20.31 -11.07 20.92
CA ALA A 1 19.56 -9.93 20.34
C ALA A 1 19.93 -8.63 21.07
N LYS A 2 21.14 -8.20 20.92
CA LYS A 2 21.58 -6.94 21.61
C LYS A 2 21.10 -5.72 20.81
N VAL A 3 21.35 -4.54 21.31
CA VAL A 3 20.92 -3.30 20.58
C VAL A 3 19.39 -3.30 20.41
N GLN A 4 18.74 -2.27 20.88
CA GLN A 4 17.26 -2.22 20.74
C GLN A 4 16.86 -2.14 19.27
N ALA A 5 15.61 -2.35 18.97
CA ALA A 5 15.16 -2.31 17.55
C ALA A 5 13.63 -2.24 17.48
N TYR A 6 13.07 -1.06 17.48
CA TYR A 6 11.59 -0.94 17.41
C TYR A 6 11.20 0.27 16.54
N VAL A 7 11.66 0.31 15.32
CA VAL A 7 11.32 1.45 14.43
C VAL A 7 11.46 1.04 12.97
N SER A 8 10.38 0.69 12.32
CA SER A 8 10.46 0.29 10.89
C SER A 8 9.18 0.68 10.16
N ASP A 9 9.30 1.32 9.03
CA ASP A 9 8.09 1.73 8.27
C ASP A 9 7.25 0.50 7.89
N GLU A 10 6.51 -0.03 8.83
CA GLU A 10 5.68 -1.23 8.52
C GLU A 10 4.72 -0.93 7.37
N ILE A 11 4.19 0.27 7.33
CA ILE A 11 3.25 0.63 6.23
C ILE A 11 3.92 0.41 4.86
N VAL A 12 5.14 0.87 4.72
CA VAL A 12 5.84 0.70 3.41
C VAL A 12 5.60 -0.72 2.87
N TYR A 13 5.87 -1.72 3.65
CA TYR A 13 5.66 -3.11 3.16
C TYR A 13 4.16 -3.43 3.08
N LYS A 14 3.36 -2.75 3.86
CA LYS A 14 1.89 -3.01 3.83
C LYS A 14 1.30 -2.46 2.52
N ILE A 15 1.82 -1.37 2.02
CA ILE A 15 1.28 -0.80 0.76
C ILE A 15 1.70 -1.67 -0.43
N ASN A 16 2.94 -2.06 -0.49
CA ASN A 16 3.41 -2.91 -1.62
C ASN A 16 2.39 -4.03 -1.90
N LYS A 17 1.72 -4.49 -0.88
CA LYS A 17 0.72 -5.58 -1.08
C LYS A 17 -0.42 -5.09 -1.99
N ILE A 18 -1.03 -4.00 -1.63
CA ILE A 18 -2.15 -3.47 -2.47
C ILE A 18 -1.65 -3.16 -3.88
N VAL A 19 -0.46 -2.65 -4.00
CA VAL A 19 0.09 -2.32 -5.35
C VAL A 19 0.37 -3.61 -6.13
N GLU A 20 1.25 -4.43 -5.62
CA GLU A 20 1.58 -5.71 -6.32
C GLU A 20 0.30 -6.37 -6.83
N ARG A 21 -0.79 -6.20 -6.13
CA ARG A 21 -2.07 -6.83 -6.56
C ARG A 21 -2.35 -6.48 -8.03
N ARG A 22 -2.06 -5.28 -8.42
CA ARG A 22 -2.31 -4.88 -9.84
C ARG A 22 -1.63 -5.87 -10.79
N ARG A 23 -0.32 -5.84 -10.87
CA ARG A 23 0.38 -6.78 -11.78
C ARG A 23 0.03 -8.23 -11.42
N ALA A 24 0.05 -8.56 -10.15
CA ALA A 24 -0.30 -9.95 -9.75
C ALA A 24 -1.56 -10.39 -10.50
N GLU A 25 -2.48 -9.48 -10.70
CA GLU A 25 -3.72 -9.83 -11.42
C GLU A 25 -3.48 -9.80 -12.94
N GLY A 26 -2.56 -8.98 -13.39
CA GLY A 26 -2.28 -8.91 -14.84
C GLY A 26 -2.31 -7.46 -15.31
N ALA A 27 -1.88 -6.54 -14.47
CA ALA A 27 -1.88 -5.11 -14.88
C ALA A 27 -0.70 -4.81 -15.80
N LYS A 28 -0.45 -3.57 -16.09
CA LYS A 28 0.69 -3.22 -16.99
C LYS A 28 0.80 -1.70 -17.16
N SER A 29 -0.31 -1.01 -17.10
CA SER A 29 -0.26 0.47 -17.26
C SER A 29 0.67 1.09 -16.21
N THR A 30 1.28 2.19 -16.52
CA THR A 30 2.20 2.84 -15.54
C THR A 30 1.40 3.68 -14.54
N ASP A 31 0.11 3.56 -14.55
CA ASP A 31 -0.73 4.36 -13.62
C ASP A 31 -0.68 3.75 -12.21
N VAL A 32 0.08 2.70 -12.04
CA VAL A 32 0.16 2.06 -10.70
C VAL A 32 1.62 2.04 -10.22
N SER A 33 1.83 2.10 -8.93
CA SER A 33 3.23 2.09 -8.40
C SER A 33 3.22 2.23 -6.89
N PHE A 34 4.20 1.70 -6.23
CA PHE A 34 4.26 1.81 -4.73
C PHE A 34 4.00 3.26 -4.31
N SER A 35 4.81 4.18 -4.77
CA SER A 35 4.61 5.60 -4.38
C SER A 35 3.22 6.08 -4.79
N SER A 36 2.70 5.56 -5.87
CA SER A 36 1.35 5.98 -6.33
C SER A 36 0.28 5.49 -5.34
N ILE A 37 0.25 4.21 -5.08
CA ILE A 37 -0.77 3.67 -4.13
C ILE A 37 -0.53 4.23 -2.72
N SER A 38 0.67 4.15 -2.23
CA SER A 38 0.96 4.68 -0.87
C SER A 38 0.55 6.15 -0.76
N THR A 39 1.03 6.97 -1.65
CA THR A 39 0.67 8.42 -1.60
C THR A 39 -0.84 8.59 -1.45
N MET A 40 -1.60 8.04 -2.36
CA MET A 40 -3.09 8.18 -2.27
C MET A 40 -3.62 7.45 -1.04
N LEU A 41 -2.90 6.50 -0.54
CA LEU A 41 -3.38 5.75 0.66
C LEU A 41 -3.37 6.66 1.90
N LEU A 42 -2.25 7.27 2.19
CA LEU A 42 -2.19 8.17 3.38
C LEU A 42 -3.13 9.35 3.22
N GLU A 43 -3.14 9.97 2.06
CA GLU A 43 -4.04 11.13 1.86
C GLU A 43 -5.48 10.70 2.11
N LEU A 44 -5.73 9.43 2.03
CA LEU A 44 -7.10 8.91 2.27
C LEU A 44 -7.20 8.33 3.68
N GLY A 45 -6.10 8.24 4.38
CA GLY A 45 -6.15 7.67 5.76
C GLY A 45 -6.46 6.18 5.69
N LEU A 46 -6.00 5.51 4.66
CA LEU A 46 -6.27 4.04 4.51
C LEU A 46 -7.73 3.79 4.14
N ARG A 47 -8.54 4.82 4.06
CA ARG A 47 -9.97 4.64 3.70
C ARG A 47 -10.10 4.35 2.20
N VAL A 48 -9.01 4.28 1.50
CA VAL A 48 -9.07 4.00 0.03
C VAL A 48 -9.84 2.69 -0.24
N TYR A 49 -9.16 1.69 -0.73
CA TYR A 49 -9.85 0.39 -1.02
C TYR A 49 -10.84 0.07 0.10
N GLU A 50 -10.59 0.51 1.29
CA GLU A 50 -11.51 0.23 2.41
C GLU A 50 -12.87 0.88 2.16
N ALA A 51 -12.89 1.98 1.47
CA ALA A 51 -14.19 2.66 1.18
C ALA A 51 -14.96 1.88 0.11
N GLN A 52 -14.28 1.32 -0.83
CA GLN A 52 -14.97 0.55 -1.91
C GLN A 52 -15.73 -0.63 -1.31
N MET A 53 -15.05 -1.52 -0.64
CA MET A 53 -15.74 -2.70 -0.04
C MET A 53 -16.75 -2.24 1.00
N GLU A 54 -16.41 -1.23 1.76
CA GLU A 54 -17.35 -0.72 2.81
C GLU A 54 -18.07 -1.88 3.49
N ARG A 55 -19.17 -1.61 4.14
CA ARG A 55 -19.91 -2.70 4.83
C ARG A 55 -20.90 -3.36 3.86
N ALA A 1 6.81 8.44 31.24
CA ALA A 1 6.59 8.93 29.84
C ALA A 1 6.27 7.76 28.92
N LYS A 2 7.25 6.97 28.57
CA LYS A 2 6.99 5.80 27.68
C LYS A 2 8.22 4.90 27.61
N VAL A 3 8.20 3.94 26.73
CA VAL A 3 9.38 3.02 26.61
C VAL A 3 10.26 3.44 25.43
N GLN A 4 9.94 4.54 24.81
CA GLN A 4 10.75 5.00 23.64
C GLN A 4 10.74 3.93 22.54
N ALA A 5 10.99 4.32 21.32
CA ALA A 5 10.99 3.33 20.21
C ALA A 5 9.67 2.56 20.18
N TYR A 6 8.69 3.06 19.47
CA TYR A 6 7.38 2.35 19.42
C TYR A 6 6.58 2.82 18.20
N VAL A 7 7.18 2.81 17.04
CA VAL A 7 6.45 3.25 15.83
C VAL A 7 7.33 3.08 14.58
N SER A 8 6.80 2.46 13.55
CA SER A 8 7.61 2.26 12.32
C SER A 8 6.70 2.23 11.10
N ASP A 9 7.11 2.81 10.01
CA ASP A 9 6.27 2.82 8.78
C ASP A 9 6.06 1.38 8.28
N GLU A 10 5.29 0.61 8.98
CA GLU A 10 5.05 -0.80 8.54
C GLU A 10 4.17 -0.83 7.30
N ILE A 11 3.67 0.31 6.89
CA ILE A 11 2.80 0.35 5.67
C ILE A 11 3.61 -0.05 4.43
N VAL A 12 4.91 -0.06 4.53
CA VAL A 12 5.74 -0.43 3.36
C VAL A 12 5.42 -1.87 2.92
N TYR A 13 5.72 -2.83 3.75
CA TYR A 13 5.44 -4.25 3.39
C TYR A 13 3.94 -4.45 3.18
N LYS A 14 3.13 -3.72 3.89
CA LYS A 14 1.65 -3.87 3.74
C LYS A 14 1.18 -3.26 2.41
N ILE A 15 1.50 -2.02 2.18
CA ILE A 15 1.08 -1.36 0.90
C ILE A 15 1.70 -2.09 -0.29
N ASN A 16 2.97 -2.40 -0.21
CA ASN A 16 3.65 -3.11 -1.34
C ASN A 16 2.80 -4.30 -1.80
N LYS A 17 2.23 -5.03 -0.89
CA LYS A 17 1.41 -6.21 -1.27
C LYS A 17 0.25 -5.76 -2.18
N ILE A 18 -0.30 -4.61 -1.93
CA ILE A 18 -1.44 -4.11 -2.77
C ILE A 18 -0.91 -3.72 -4.16
N VAL A 19 0.15 -2.98 -4.22
CA VAL A 19 0.69 -2.56 -5.54
C VAL A 19 1.08 -3.79 -6.37
N GLU A 20 1.77 -4.73 -5.77
CA GLU A 20 2.18 -5.95 -6.52
C GLU A 20 0.96 -6.58 -7.19
N ARG A 21 -0.05 -6.93 -6.44
CA ARG A 21 -1.26 -7.54 -7.04
C ARG A 21 -1.67 -6.77 -8.30
N ARG A 22 -1.71 -5.47 -8.22
CA ARG A 22 -2.10 -4.66 -9.42
C ARG A 22 -1.24 -5.07 -10.61
N ARG A 23 0.03 -4.78 -10.57
CA ARG A 23 0.92 -5.15 -11.72
C ARG A 23 0.90 -6.66 -11.94
N ALA A 24 0.99 -7.42 -10.88
CA ALA A 24 0.98 -8.91 -11.04
C ALA A 24 -0.11 -9.30 -12.04
N GLU A 25 -1.26 -8.70 -11.93
CA GLU A 25 -2.37 -9.03 -12.85
C GLU A 25 -2.28 -8.15 -14.11
N GLY A 26 -1.60 -7.04 -14.02
CA GLY A 26 -1.48 -6.15 -15.21
C GLY A 26 -2.81 -5.44 -15.45
N ALA A 27 -3.53 -5.12 -14.39
CA ALA A 27 -4.84 -4.43 -14.57
C ALA A 27 -4.66 -2.91 -14.39
N LYS A 28 -3.59 -2.38 -14.91
CA LYS A 28 -3.34 -0.91 -14.78
C LYS A 28 -2.00 -0.56 -15.42
N SER A 29 -1.61 -1.26 -16.44
CA SER A 29 -0.30 -0.97 -17.11
C SER A 29 0.82 -0.94 -16.06
N THR A 30 1.99 -0.51 -16.44
CA THR A 30 3.12 -0.46 -15.47
C THR A 30 3.11 0.88 -14.72
N ASP A 31 1.99 1.53 -14.65
CA ASP A 31 1.92 2.83 -13.95
C ASP A 31 1.75 2.61 -12.43
N VAL A 32 1.31 1.45 -12.04
CA VAL A 32 1.13 1.18 -10.58
C VAL A 32 2.48 1.17 -9.88
N SER A 33 2.50 1.52 -8.62
CA SER A 33 3.79 1.52 -7.87
C SER A 33 3.56 1.98 -6.42
N PHE A 34 4.33 1.47 -5.50
CA PHE A 34 4.15 1.88 -4.08
C PHE A 34 3.92 3.39 -3.98
N SER A 35 4.87 4.18 -4.40
CA SER A 35 4.70 5.66 -4.34
C SER A 35 3.32 6.07 -4.88
N SER A 36 2.83 5.36 -5.87
CA SER A 36 1.51 5.71 -6.44
C SER A 36 0.39 5.16 -5.55
N ILE A 37 0.54 3.94 -5.09
CA ILE A 37 -0.53 3.34 -4.23
C ILE A 37 -0.47 3.96 -2.83
N SER A 38 0.70 4.23 -2.33
CA SER A 38 0.82 4.84 -0.97
C SER A 38 0.42 6.32 -1.02
N THR A 39 0.97 7.06 -1.96
CA THR A 39 0.62 8.50 -2.06
C THR A 39 -0.89 8.70 -2.05
N MET A 40 -1.62 7.96 -2.83
CA MET A 40 -3.10 8.12 -2.85
C MET A 40 -3.73 7.53 -1.59
N LEU A 41 -3.14 6.50 -1.05
CA LEU A 41 -3.69 5.88 0.18
C LEU A 41 -3.55 6.83 1.36
N LEU A 42 -2.38 7.36 1.59
CA LEU A 42 -2.20 8.30 2.74
C LEU A 42 -2.92 9.62 2.47
N GLU A 43 -3.44 9.81 1.29
CA GLU A 43 -4.16 11.07 1.00
C GLU A 43 -5.53 10.95 1.65
N LEU A 44 -6.05 9.75 1.67
CA LEU A 44 -7.37 9.50 2.28
C LEU A 44 -7.19 8.89 3.67
N GLY A 45 -5.97 8.62 4.07
CA GLY A 45 -5.74 8.02 5.42
C GLY A 45 -6.05 6.52 5.39
N LEU A 46 -5.90 5.89 4.25
CA LEU A 46 -6.19 4.43 4.17
C LEU A 46 -7.57 4.08 4.73
N ARG A 47 -8.42 5.05 4.95
CA ARG A 47 -9.77 4.75 5.50
C ARG A 47 -10.67 4.13 4.43
N VAL A 48 -11.12 4.93 3.50
CA VAL A 48 -12.01 4.41 2.43
C VAL A 48 -11.41 3.15 1.79
N TYR A 49 -10.11 3.09 1.69
CA TYR A 49 -9.46 1.89 1.08
C TYR A 49 -10.10 0.61 1.63
N GLU A 50 -10.21 0.50 2.93
CA GLU A 50 -10.82 -0.71 3.52
C GLU A 50 -12.29 -0.83 3.11
N ALA A 51 -12.84 0.20 2.54
CA ALA A 51 -14.27 0.16 2.12
C ALA A 51 -14.41 -0.62 0.81
N GLN A 52 -13.71 -0.20 -0.22
CA GLN A 52 -13.81 -0.91 -1.52
C GLN A 52 -12.88 -2.14 -1.54
N MET A 53 -12.43 -2.57 -0.40
CA MET A 53 -11.53 -3.76 -0.37
C MET A 53 -12.17 -4.94 -1.10
N GLU A 54 -13.47 -5.02 -1.10
CA GLU A 54 -14.15 -6.16 -1.80
C GLU A 54 -14.20 -5.89 -3.31
N ARG A 55 -15.01 -6.62 -4.02
CA ARG A 55 -15.10 -6.42 -5.50
C ARG A 55 -16.34 -7.13 -6.05
N ALA A 1 11.25 -3.37 22.13
CA ALA A 1 11.22 -4.64 21.35
C ALA A 1 10.58 -5.75 22.17
N LYS A 2 11.23 -6.19 23.21
CA LYS A 2 10.65 -7.27 24.05
C LYS A 2 10.36 -8.51 23.20
N VAL A 3 11.38 -9.22 22.80
CA VAL A 3 11.16 -10.43 21.96
C VAL A 3 10.48 -10.05 20.64
N GLN A 4 10.41 -8.78 20.33
CA GLN A 4 9.74 -8.36 19.08
C GLN A 4 8.33 -8.92 19.01
N ALA A 5 7.50 -8.40 18.14
CA ALA A 5 6.10 -8.90 18.04
C ALA A 5 5.31 -8.06 17.02
N TYR A 6 5.87 -7.84 15.87
CA TYR A 6 5.15 -7.05 14.84
C TYR A 6 4.60 -5.76 15.46
N VAL A 7 5.45 -4.81 15.75
CA VAL A 7 4.98 -3.53 16.36
C VAL A 7 5.54 -2.33 15.58
N SER A 8 5.26 -2.26 14.31
CA SER A 8 5.78 -1.11 13.50
C SER A 8 4.85 -0.85 12.31
N ASP A 9 5.22 0.06 11.45
CA ASP A 9 4.36 0.37 10.27
C ASP A 9 4.17 -0.89 9.41
N GLU A 10 3.33 -1.79 9.83
CA GLU A 10 3.10 -3.03 9.04
C GLU A 10 2.34 -2.71 7.75
N ILE A 11 1.83 -1.52 7.63
CA ILE A 11 1.07 -1.15 6.39
C ILE A 11 1.99 -1.24 5.17
N VAL A 12 3.27 -1.07 5.36
CA VAL A 12 4.21 -1.15 4.20
C VAL A 12 3.87 -2.36 3.32
N TYR A 13 3.75 -3.52 3.92
CA TYR A 13 3.42 -4.74 3.13
C TYR A 13 1.98 -4.66 2.62
N LYS A 14 1.15 -3.92 3.28
CA LYS A 14 -0.27 -3.80 2.84
C LYS A 14 -0.36 -3.01 1.52
N ILE A 15 0.19 -1.82 1.49
CA ILE A 15 0.13 -1.02 0.24
C ILE A 15 1.13 -1.56 -0.78
N ASN A 16 2.17 -2.21 -0.33
CA ASN A 16 3.18 -2.75 -1.29
C ASN A 16 2.53 -3.83 -2.16
N LYS A 17 1.68 -4.64 -1.59
CA LYS A 17 1.01 -5.70 -2.39
C LYS A 17 0.07 -5.08 -3.43
N ILE A 18 -0.59 -4.02 -3.08
CA ILE A 18 -1.52 -3.36 -4.04
C ILE A 18 -0.79 -3.04 -5.35
N VAL A 19 0.40 -2.50 -5.25
CA VAL A 19 1.16 -2.17 -6.49
C VAL A 19 1.58 -3.45 -7.22
N GLU A 20 2.16 -4.38 -6.52
CA GLU A 20 2.59 -5.65 -7.18
C GLU A 20 1.38 -6.40 -7.73
N ARG A 21 0.24 -6.23 -7.13
CA ARG A 21 -0.98 -6.93 -7.63
C ARG A 21 -1.07 -6.84 -9.14
N ARG A 22 -1.04 -5.65 -9.68
CA ARG A 22 -1.14 -5.50 -11.16
C ARG A 22 -0.24 -6.53 -11.84
N ARG A 23 0.97 -6.70 -11.37
CA ARG A 23 1.88 -7.70 -12.00
C ARG A 23 1.39 -9.11 -11.70
N ALA A 24 1.27 -9.46 -10.45
CA ALA A 24 0.77 -10.82 -10.12
C ALA A 24 -0.47 -11.12 -10.96
N GLU A 25 -1.15 -10.10 -11.39
CA GLU A 25 -2.37 -10.30 -12.22
C GLU A 25 -2.01 -10.29 -13.71
N GLY A 26 -0.84 -9.80 -14.05
CA GLY A 26 -0.45 -9.77 -15.49
C GLY A 26 0.29 -8.47 -15.77
N ALA A 27 1.35 -8.21 -15.06
CA ALA A 27 2.13 -6.94 -15.28
C ALA A 27 2.16 -6.57 -16.77
N LYS A 28 2.13 -5.30 -17.05
CA LYS A 28 2.15 -4.83 -18.46
C LYS A 28 2.10 -3.30 -18.49
N SER A 29 1.00 -2.75 -18.07
CA SER A 29 0.88 -1.27 -18.04
C SER A 29 0.72 -0.82 -16.59
N THR A 30 1.37 -1.51 -15.69
CA THR A 30 1.29 -1.16 -14.25
C THR A 30 2.58 -0.48 -13.81
N ASP A 31 3.13 0.35 -14.65
CA ASP A 31 4.39 1.06 -14.29
C ASP A 31 4.25 1.71 -12.91
N VAL A 32 3.05 1.92 -12.46
CA VAL A 32 2.84 2.55 -11.12
C VAL A 32 3.76 1.89 -10.09
N SER A 33 3.80 2.39 -8.89
CA SER A 33 4.69 1.78 -7.86
C SER A 33 4.21 2.13 -6.44
N PHE A 34 4.95 1.73 -5.45
CA PHE A 34 4.54 2.03 -4.05
C PHE A 34 4.46 3.55 -3.84
N SER A 35 5.55 4.24 -3.99
CA SER A 35 5.54 5.71 -3.79
C SER A 35 4.29 6.31 -4.45
N SER A 36 3.93 5.84 -5.61
CA SER A 36 2.72 6.36 -6.30
C SER A 36 1.46 5.73 -5.71
N ILE A 37 1.49 4.46 -5.41
CA ILE A 37 0.29 3.79 -4.85
C ILE A 37 0.11 4.17 -3.38
N SER A 38 1.17 4.52 -2.70
CA SER A 38 1.04 4.89 -1.27
C SER A 38 0.40 6.27 -1.13
N THR A 39 1.05 7.29 -1.63
CA THR A 39 0.49 8.66 -1.52
C THR A 39 -0.97 8.70 -1.99
N MET A 40 -1.40 7.74 -2.75
CA MET A 40 -2.80 7.74 -3.23
C MET A 40 -3.77 7.50 -2.07
N LEU A 41 -3.52 6.50 -1.27
CA LEU A 41 -4.42 6.22 -0.12
C LEU A 41 -4.29 7.33 0.92
N LEU A 42 -3.09 7.80 1.16
CA LEU A 42 -2.91 8.89 2.17
C LEU A 42 -3.93 10.00 1.94
N GLU A 43 -4.45 10.11 0.76
CA GLU A 43 -5.46 11.16 0.49
C GLU A 43 -6.72 10.81 1.29
N LEU A 44 -6.94 9.55 1.47
CA LEU A 44 -8.12 9.09 2.25
C LEU A 44 -7.76 8.96 3.72
N GLY A 45 -6.48 8.98 4.03
CA GLY A 45 -6.06 8.84 5.45
C GLY A 45 -5.67 7.40 5.77
N LEU A 46 -5.72 6.53 4.80
CA LEU A 46 -5.35 5.09 5.03
C LEU A 46 -6.47 4.33 5.77
N ARG A 47 -7.37 5.01 6.42
CA ARG A 47 -8.46 4.31 7.15
C ARG A 47 -9.50 3.76 6.16
N VAL A 48 -9.88 4.54 5.19
CA VAL A 48 -10.88 4.07 4.20
C VAL A 48 -10.46 2.72 3.61
N TYR A 49 -9.45 2.71 2.77
CA TYR A 49 -8.99 1.43 2.17
C TYR A 49 -8.96 0.32 3.22
N GLU A 50 -8.22 0.52 4.28
CA GLU A 50 -8.14 -0.51 5.35
C GLU A 50 -9.52 -0.77 5.95
N ALA A 51 -10.40 0.19 5.88
CA ALA A 51 -11.77 -0.01 6.45
C ALA A 51 -12.62 -0.85 5.50
N GLN A 52 -12.54 -0.59 4.22
CA GLN A 52 -13.36 -1.37 3.25
C GLN A 52 -12.98 -2.86 3.30
N MET A 53 -11.79 -3.17 3.75
CA MET A 53 -11.37 -4.60 3.83
C MET A 53 -11.54 -5.12 5.26
N GLU A 54 -12.36 -4.48 6.05
CA GLU A 54 -12.56 -4.96 7.44
C GLU A 54 -13.90 -4.46 7.99
N ARG A 55 -14.30 -4.92 9.14
CA ARG A 55 -15.60 -4.47 9.72
C ARG A 55 -15.35 -3.53 10.91
N ALA A 1 15.58 0.00 23.03
CA ALA A 1 16.41 -1.07 23.65
C ALA A 1 16.56 -2.25 22.68
N LYS A 2 15.83 -2.24 21.60
CA LYS A 2 15.92 -3.36 20.62
C LYS A 2 16.10 -2.81 19.20
N VAL A 3 16.82 -3.50 18.36
CA VAL A 3 17.03 -3.02 16.97
C VAL A 3 16.14 -3.81 15.99
N GLN A 4 15.33 -4.69 16.51
CA GLN A 4 14.44 -5.50 15.61
C GLN A 4 13.40 -4.58 14.95
N ALA A 5 12.36 -5.15 14.41
CA ALA A 5 11.31 -4.32 13.75
C ALA A 5 11.92 -3.50 12.61
N TYR A 6 12.73 -4.13 11.80
CA TYR A 6 13.37 -3.40 10.67
C TYR A 6 12.30 -2.96 9.65
N VAL A 7 12.72 -2.38 8.56
CA VAL A 7 11.74 -1.92 7.53
C VAL A 7 10.93 -0.73 8.05
N SER A 8 11.26 -0.25 9.22
CA SER A 8 10.50 0.92 9.77
C SER A 8 9.00 0.74 9.54
N ASP A 9 8.28 1.83 9.44
CA ASP A 9 6.80 1.78 9.21
C ASP A 9 6.41 0.56 8.38
N GLU A 10 6.13 -0.53 9.04
CA GLU A 10 5.74 -1.76 8.30
C GLU A 10 4.67 -1.46 7.25
N ILE A 11 3.97 -0.36 7.41
CA ILE A 11 2.91 -0.01 6.43
C ILE A 11 3.48 -0.05 5.01
N VAL A 12 4.78 0.06 4.88
CA VAL A 12 5.40 0.03 3.53
C VAL A 12 5.02 -1.27 2.80
N TYR A 13 5.45 -2.39 3.29
CA TYR A 13 5.10 -3.68 2.63
C TYR A 13 3.58 -3.82 2.52
N LYS A 14 2.85 -3.12 3.35
CA LYS A 14 1.36 -3.21 3.28
C LYS A 14 0.85 -2.60 1.98
N ILE A 15 1.38 -1.46 1.59
CA ILE A 15 0.92 -0.83 0.33
C ILE A 15 1.50 -1.57 -0.89
N ASN A 16 2.43 -2.44 -0.67
CA ASN A 16 3.02 -3.21 -1.81
C ASN A 16 2.02 -4.23 -2.34
N LYS A 17 1.40 -4.99 -1.47
CA LYS A 17 0.42 -6.00 -1.93
C LYS A 17 -0.56 -5.37 -2.93
N ILE A 18 -0.82 -4.10 -2.79
CA ILE A 18 -1.76 -3.42 -3.73
C ILE A 18 -1.07 -3.19 -5.08
N VAL A 19 0.14 -2.70 -5.08
CA VAL A 19 0.84 -2.46 -6.36
C VAL A 19 1.22 -3.79 -7.01
N GLU A 20 1.85 -4.66 -6.28
CA GLU A 20 2.25 -5.98 -6.86
C GLU A 20 1.10 -6.56 -7.69
N ARG A 21 -0.10 -6.49 -7.19
CA ARG A 21 -1.26 -7.04 -7.96
C ARG A 21 -1.15 -6.63 -9.43
N ARG A 22 -1.02 -5.37 -9.71
CA ARG A 22 -0.90 -4.92 -11.12
C ARG A 22 0.10 -5.80 -11.87
N ARG A 23 1.25 -6.03 -11.29
CA ARG A 23 2.27 -6.88 -11.96
C ARG A 23 1.82 -8.34 -11.95
N ALA A 24 1.53 -8.88 -10.80
CA ALA A 24 1.08 -10.30 -10.74
C ALA A 24 0.07 -10.55 -11.85
N GLU A 25 -0.67 -9.54 -12.22
CA GLU A 25 -1.67 -9.70 -13.29
C GLU A 25 -1.01 -9.53 -14.66
N GLY A 26 0.05 -8.76 -14.73
CA GLY A 26 0.74 -8.57 -16.03
C GLY A 26 0.83 -7.09 -16.37
N ALA A 27 1.13 -6.25 -15.40
CA ALA A 27 1.23 -4.79 -15.66
C ALA A 27 2.67 -4.42 -16.02
N LYS A 28 2.91 -3.19 -16.37
CA LYS A 28 4.30 -2.78 -16.72
C LYS A 28 4.36 -1.27 -16.97
N SER A 29 3.32 -0.70 -17.52
CA SER A 29 3.33 0.77 -17.78
C SER A 29 3.88 1.52 -16.57
N THR A 30 4.42 2.69 -16.78
CA THR A 30 4.98 3.47 -15.63
C THR A 30 3.88 4.29 -14.95
N ASP A 31 2.71 3.74 -14.81
CA ASP A 31 1.61 4.50 -14.16
C ASP A 31 1.41 4.00 -12.72
N VAL A 32 1.70 2.75 -12.47
CA VAL A 32 1.53 2.22 -11.08
C VAL A 32 2.90 2.02 -10.43
N SER A 33 3.02 2.36 -9.17
CA SER A 33 4.32 2.19 -8.47
C SER A 33 4.13 2.26 -6.96
N PHE A 34 4.89 1.51 -6.21
CA PHE A 34 4.75 1.54 -4.73
C PHE A 34 4.60 2.99 -4.24
N SER A 35 5.39 3.88 -4.77
CA SER A 35 5.30 5.31 -4.34
C SER A 35 3.97 5.91 -4.78
N SER A 36 3.45 5.47 -5.91
CA SER A 36 2.15 6.02 -6.39
C SER A 36 0.99 5.39 -5.62
N ILE A 37 1.02 4.10 -5.43
CA ILE A 37 -0.09 3.43 -4.69
C ILE A 37 -0.06 3.83 -3.21
N SER A 38 1.08 4.24 -2.73
CA SER A 38 1.18 4.63 -1.28
C SER A 38 0.52 6.00 -1.05
N THR A 39 0.93 7.00 -1.78
CA THR A 39 0.34 8.35 -1.59
C THR A 39 -1.19 8.29 -1.62
N MET A 40 -1.75 7.41 -2.42
CA MET A 40 -3.24 7.33 -2.49
C MET A 40 -3.82 6.93 -1.13
N LEU A 41 -3.08 6.20 -0.34
CA LEU A 41 -3.59 5.79 1.00
C LEU A 41 -3.69 7.01 1.92
N LEU A 42 -2.58 7.66 2.16
CA LEU A 42 -2.60 8.86 3.04
C LEU A 42 -3.65 9.86 2.55
N GLU A 43 -3.75 10.04 1.27
CA GLU A 43 -4.77 10.99 0.74
C GLU A 43 -6.16 10.53 1.18
N LEU A 44 -6.27 9.26 1.47
CA LEU A 44 -7.58 8.71 1.93
C LEU A 44 -7.57 8.55 3.44
N GLY A 45 -6.44 8.80 4.07
CA GLY A 45 -6.37 8.66 5.55
C GLY A 45 -6.36 7.19 5.94
N LEU A 46 -6.27 6.31 4.96
CA LEU A 46 -6.25 4.83 5.25
C LEU A 46 -7.65 4.31 5.65
N ARG A 47 -8.50 5.15 6.18
CA ARG A 47 -9.86 4.67 6.58
C ARG A 47 -10.73 4.43 5.35
N VAL A 48 -11.11 5.49 4.67
CA VAL A 48 -11.96 5.33 3.46
C VAL A 48 -11.48 4.14 2.62
N TYR A 49 -10.21 3.82 2.71
CA TYR A 49 -9.68 2.68 1.92
C TYR A 49 -10.32 1.37 2.39
N GLU A 50 -10.31 1.12 3.66
CA GLU A 50 -10.91 -0.13 4.18
C GLU A 50 -12.40 -0.17 3.84
N ALA A 51 -12.96 0.92 3.41
CA ALA A 51 -14.41 0.95 3.06
C ALA A 51 -14.64 0.21 1.74
N GLN A 52 -13.95 0.61 0.70
CA GLN A 52 -14.13 -0.07 -0.60
C GLN A 52 -13.20 -1.28 -0.72
N MET A 53 -12.94 -1.95 0.38
CA MET A 53 -12.05 -3.15 0.33
C MET A 53 -12.62 -4.19 -0.63
N GLU A 54 -13.90 -4.19 -0.84
CA GLU A 54 -14.51 -5.18 -1.76
C GLU A 54 -14.96 -4.50 -3.06
N ARG A 55 -15.77 -5.16 -3.83
CA ARG A 55 -16.24 -4.55 -5.11
C ARG A 55 -17.35 -5.40 -5.74
N ALA A 1 14.74 -7.00 20.39
CA ALA A 1 13.86 -6.03 19.66
C ALA A 1 14.32 -5.88 18.21
N LYS A 2 13.77 -6.66 17.31
CA LYS A 2 14.18 -6.56 15.88
C LYS A 2 13.61 -5.28 15.26
N VAL A 3 14.43 -4.28 15.08
CA VAL A 3 13.94 -3.01 14.48
C VAL A 3 12.71 -2.51 15.24
N GLN A 4 12.90 -1.71 16.25
CA GLN A 4 11.75 -1.19 17.03
C GLN A 4 10.65 -0.71 16.09
N ALA A 5 9.50 -0.39 16.62
CA ALA A 5 8.39 0.09 15.75
C ALA A 5 7.09 0.21 16.56
N TYR A 6 6.50 1.37 16.57
CA TYR A 6 5.24 1.56 17.34
C TYR A 6 4.49 2.81 16.85
N VAL A 7 4.03 2.81 15.63
CA VAL A 7 3.31 3.99 15.10
C VAL A 7 2.56 3.62 13.81
N SER A 8 3.19 2.89 12.94
CA SER A 8 2.52 2.50 11.66
C SER A 8 3.51 1.83 10.72
N ASP A 9 4.30 0.93 11.23
CA ASP A 9 5.30 0.22 10.37
C ASP A 9 4.59 -0.66 9.33
N GLU A 10 3.55 -1.33 9.74
CA GLU A 10 2.81 -2.22 8.79
C GLU A 10 2.43 -1.44 7.52
N ILE A 11 2.40 -0.13 7.60
CA ILE A 11 2.04 0.68 6.40
C ILE A 11 2.92 0.29 5.20
N VAL A 12 4.21 0.38 5.35
CA VAL A 12 5.12 0.01 4.22
C VAL A 12 4.65 -1.29 3.57
N TYR A 13 4.49 -2.33 4.34
CA TYR A 13 4.04 -3.63 3.76
C TYR A 13 2.59 -3.52 3.28
N LYS A 14 1.83 -2.61 3.84
CA LYS A 14 0.42 -2.45 3.42
C LYS A 14 0.34 -1.97 1.97
N ILE A 15 1.03 -0.91 1.65
CA ILE A 15 1.00 -0.39 0.26
C ILE A 15 1.58 -1.42 -0.71
N ASN A 16 2.31 -2.37 -0.21
CA ASN A 16 2.92 -3.41 -1.10
C ASN A 16 1.84 -4.35 -1.62
N LYS A 17 1.01 -4.85 -0.74
CA LYS A 17 -0.07 -5.79 -1.18
C LYS A 17 -1.02 -5.09 -2.15
N ILE A 18 -1.13 -3.80 -2.06
CA ILE A 18 -2.04 -3.05 -2.97
C ILE A 18 -1.38 -2.86 -4.34
N VAL A 19 -0.17 -2.36 -4.37
CA VAL A 19 0.52 -2.16 -5.67
C VAL A 19 0.81 -3.51 -6.33
N GLU A 20 1.34 -4.44 -5.59
CA GLU A 20 1.64 -5.78 -6.18
C GLU A 20 0.51 -6.23 -7.10
N ARG A 21 -0.72 -5.99 -6.72
CA ARG A 21 -1.87 -6.39 -7.56
C ARG A 21 -1.59 -6.02 -9.03
N ARG A 22 -1.05 -4.85 -9.25
CA ARG A 22 -0.75 -4.42 -10.65
C ARG A 22 -0.06 -5.55 -11.41
N ARG A 23 0.98 -6.11 -10.85
CA ARG A 23 1.70 -7.22 -11.54
C ARG A 23 0.83 -8.48 -11.52
N ALA A 24 0.32 -8.85 -10.37
CA ALA A 24 -0.54 -10.06 -10.30
C ALA A 24 -1.53 -10.05 -11.48
N GLU A 25 -1.96 -8.89 -11.88
CA GLU A 25 -2.91 -8.79 -13.01
C GLU A 25 -2.14 -8.84 -14.34
N GLY A 26 -0.91 -8.40 -14.34
CA GLY A 26 -0.12 -8.42 -15.60
C GLY A 26 -0.19 -7.05 -16.28
N ALA A 27 -0.50 -6.03 -15.53
CA ALA A 27 -0.58 -4.66 -16.13
C ALA A 27 0.69 -4.38 -16.94
N LYS A 28 0.73 -3.26 -17.63
CA LYS A 28 1.93 -2.92 -18.43
C LYS A 28 2.19 -1.41 -18.40
N SER A 29 1.49 -0.70 -17.55
CA SER A 29 1.70 0.77 -17.48
C SER A 29 2.35 1.14 -16.15
N THR A 30 3.34 1.98 -16.17
CA THR A 30 4.02 2.38 -14.90
C THR A 30 3.10 3.26 -14.07
N ASP A 31 1.93 3.58 -14.58
CA ASP A 31 0.98 4.44 -13.81
C ASP A 31 0.84 3.91 -12.38
N VAL A 32 0.97 2.62 -12.21
CA VAL A 32 0.83 2.04 -10.83
C VAL A 32 2.22 1.79 -10.23
N SER A 33 2.37 2.04 -8.96
CA SER A 33 3.70 1.82 -8.32
C SER A 33 3.61 2.10 -6.81
N PHE A 34 4.50 1.55 -6.04
CA PHE A 34 4.47 1.79 -4.57
C PHE A 34 4.35 3.29 -4.29
N SER A 35 5.31 4.06 -4.69
CA SER A 35 5.25 5.53 -4.45
C SER A 35 3.92 6.10 -4.96
N SER A 36 3.39 5.54 -6.01
CA SER A 36 2.10 6.05 -6.55
C SER A 36 0.94 5.64 -5.63
N ILE A 37 0.82 4.37 -5.36
CA ILE A 37 -0.29 3.91 -4.47
C ILE A 37 -0.17 4.57 -3.09
N SER A 38 1.01 4.59 -2.53
CA SER A 38 1.19 5.22 -1.20
C SER A 38 0.50 6.59 -1.16
N THR A 39 0.67 7.37 -2.19
CA THR A 39 0.03 8.72 -2.22
C THR A 39 -1.46 8.61 -1.89
N MET A 40 -2.23 8.02 -2.75
CA MET A 40 -3.70 7.88 -2.47
C MET A 40 -3.90 7.24 -1.10
N LEU A 41 -2.94 6.51 -0.63
CA LEU A 41 -3.08 5.84 0.70
C LEU A 41 -3.09 6.88 1.83
N LEU A 42 -1.99 7.56 2.04
CA LEU A 42 -1.94 8.58 3.12
C LEU A 42 -2.82 9.78 2.80
N GLU A 43 -3.02 10.07 1.54
CA GLU A 43 -3.88 11.23 1.19
C GLU A 43 -5.31 10.91 1.62
N LEU A 44 -5.68 9.67 1.48
CA LEU A 44 -7.04 9.24 1.88
C LEU A 44 -6.96 8.53 3.23
N GLY A 45 -5.81 8.56 3.87
CA GLY A 45 -5.66 7.88 5.18
C GLY A 45 -5.96 6.40 4.99
N LEU A 46 -5.78 5.89 3.79
CA LEU A 46 -6.05 4.45 3.50
C LEU A 46 -7.21 3.93 4.35
N ARG A 47 -8.18 4.76 4.60
CA ARG A 47 -9.35 4.30 5.43
C ARG A 47 -10.26 3.38 4.62
N VAL A 48 -10.12 3.37 3.32
CA VAL A 48 -10.99 2.50 2.48
C VAL A 48 -10.94 1.04 2.99
N TYR A 49 -10.26 0.18 2.28
CA TYR A 49 -10.19 -1.25 2.72
C TYR A 49 -9.95 -1.35 4.23
N GLU A 50 -9.21 -0.43 4.80
CA GLU A 50 -8.95 -0.49 6.25
C GLU A 50 -10.25 -0.32 7.05
N ALA A 51 -11.31 0.07 6.40
CA ALA A 51 -12.60 0.25 7.12
C ALA A 51 -13.06 -1.09 7.70
N GLN A 52 -13.13 -2.11 6.88
CA GLN A 52 -13.57 -3.43 7.38
C GLN A 52 -12.38 -4.21 7.94
N MET A 53 -11.18 -3.73 7.71
CA MET A 53 -9.98 -4.45 8.23
C MET A 53 -9.53 -3.83 9.56
N GLU A 54 -10.44 -3.23 10.29
CA GLU A 54 -10.07 -2.61 11.59
C GLU A 54 -9.47 -3.67 12.53
N ARG A 55 -9.18 -3.30 13.74
CA ARG A 55 -8.60 -4.29 14.69
C ARG A 55 -9.59 -5.44 14.95
N ALA A 1 28.54 -0.05 4.63
CA ALA A 1 27.94 1.10 5.38
C ALA A 1 26.41 1.04 5.30
N LYS A 2 25.78 0.42 6.26
CA LYS A 2 24.29 0.33 6.24
C LYS A 2 23.71 0.72 7.60
N VAL A 3 22.43 0.95 7.66
CA VAL A 3 21.81 1.32 8.96
C VAL A 3 20.91 0.18 9.46
N GLN A 4 20.95 -0.09 10.74
CA GLN A 4 20.10 -1.19 11.29
C GLN A 4 18.68 -1.11 10.74
N ALA A 5 17.87 -2.10 10.98
CA ALA A 5 16.47 -2.08 10.47
C ALA A 5 15.50 -2.44 11.60
N TYR A 6 14.84 -1.45 12.15
CA TYR A 6 13.89 -1.73 13.27
C TYR A 6 12.45 -1.60 12.76
N VAL A 7 11.50 -1.60 13.65
CA VAL A 7 10.07 -1.48 13.23
C VAL A 7 9.80 -0.07 12.68
N SER A 8 9.98 0.12 11.41
CA SER A 8 9.74 1.47 10.83
C SER A 8 8.28 1.61 10.40
N ASP A 9 7.99 2.52 9.52
CA ASP A 9 6.59 2.73 9.06
C ASP A 9 6.01 1.42 8.52
N GLU A 10 5.56 0.56 9.38
CA GLU A 10 4.98 -0.74 8.93
C GLU A 10 4.11 -0.54 7.68
N ILE A 11 3.49 0.61 7.56
CA ILE A 11 2.63 0.86 6.36
C ILE A 11 3.44 0.60 5.08
N VAL A 12 4.73 0.79 5.13
CA VAL A 12 5.56 0.56 3.92
C VAL A 12 5.16 -0.77 3.25
N TYR A 13 5.07 -1.82 4.00
CA TYR A 13 4.68 -3.13 3.41
C TYR A 13 3.18 -3.11 3.05
N LYS A 14 2.40 -2.40 3.82
CA LYS A 14 0.94 -2.34 3.52
C LYS A 14 0.69 -1.84 2.10
N ILE A 15 1.33 -0.76 1.73
CA ILE A 15 1.15 -0.22 0.35
C ILE A 15 1.42 -1.30 -0.68
N ASN A 16 2.50 -2.02 -0.54
CA ASN A 16 2.83 -3.09 -1.52
C ASN A 16 1.59 -3.93 -1.82
N LYS A 17 0.96 -4.45 -0.81
CA LYS A 17 -0.26 -5.29 -1.04
C LYS A 17 -1.17 -4.63 -2.08
N ILE A 18 -1.33 -3.35 -2.02
CA ILE A 18 -2.21 -2.65 -3.00
C ILE A 18 -1.48 -2.49 -4.34
N VAL A 19 -0.18 -2.33 -4.31
CA VAL A 19 0.58 -2.17 -5.58
C VAL A 19 0.63 -3.49 -6.34
N GLU A 20 0.97 -4.56 -5.67
CA GLU A 20 1.03 -5.89 -6.35
C GLU A 20 -0.28 -6.18 -7.07
N ARG A 21 -1.39 -6.10 -6.39
CA ARG A 21 -2.70 -6.38 -7.05
C ARG A 21 -2.79 -5.64 -8.38
N ARG A 22 -2.48 -4.37 -8.39
CA ARG A 22 -2.55 -3.59 -9.67
C ARG A 22 -1.83 -4.35 -10.78
N ARG A 23 -0.52 -4.42 -10.73
CA ARG A 23 0.22 -5.15 -11.79
C ARG A 23 -0.19 -6.62 -11.81
N ALA A 24 -0.29 -7.24 -10.66
CA ALA A 24 -0.70 -8.66 -10.62
C ALA A 24 -1.88 -8.89 -11.57
N GLU A 25 -2.79 -7.96 -11.61
CA GLU A 25 -3.96 -8.11 -12.51
C GLU A 25 -3.67 -7.48 -13.88
N GLY A 26 -2.70 -6.60 -13.95
CA GLY A 26 -2.38 -5.96 -15.25
C GLY A 26 -3.46 -4.93 -15.60
N ALA A 27 -3.92 -4.20 -14.64
CA ALA A 27 -4.97 -3.18 -14.92
C ALA A 27 -4.38 -1.77 -14.86
N LYS A 28 -3.24 -1.58 -15.46
CA LYS A 28 -2.60 -0.23 -15.45
C LYS A 28 -1.18 -0.33 -16.00
N SER A 29 -0.81 0.52 -16.92
CA SER A 29 0.57 0.48 -17.47
C SER A 29 1.59 0.62 -16.35
N THR A 30 2.80 0.98 -16.68
CA THR A 30 3.84 1.14 -15.61
C THR A 30 3.56 2.39 -14.77
N ASP A 31 2.37 2.52 -14.25
CA ASP A 31 2.04 3.70 -13.42
C ASP A 31 2.03 3.30 -11.93
N VAL A 32 1.70 2.08 -11.64
CA VAL A 32 1.67 1.63 -10.22
C VAL A 32 3.09 1.54 -9.65
N SER A 33 3.21 1.59 -8.36
CA SER A 33 4.56 1.51 -7.73
C SER A 33 4.47 1.82 -6.23
N PHE A 34 5.28 1.21 -5.43
CA PHE A 34 5.22 1.46 -3.96
C PHE A 34 5.12 2.97 -3.71
N SER A 35 6.01 3.74 -4.27
CA SER A 35 5.97 5.21 -4.05
C SER A 35 4.69 5.80 -4.66
N SER A 36 4.17 5.18 -5.69
CA SER A 36 2.94 5.69 -6.34
C SER A 36 1.70 5.28 -5.52
N ILE A 37 1.55 4.01 -5.25
CA ILE A 37 0.37 3.55 -4.47
C ILE A 37 0.44 4.08 -3.03
N SER A 38 1.60 4.47 -2.59
CA SER A 38 1.72 4.99 -1.20
C SER A 38 0.94 6.30 -1.06
N THR A 39 1.37 7.33 -1.73
CA THR A 39 0.66 8.64 -1.63
C THR A 39 -0.83 8.45 -1.88
N MET A 40 -1.20 7.59 -2.79
CA MET A 40 -2.64 7.36 -3.06
C MET A 40 -3.35 6.87 -1.80
N LEU A 41 -2.73 6.01 -1.06
CA LEU A 41 -3.37 5.49 0.19
C LEU A 41 -3.45 6.61 1.24
N LEU A 42 -2.52 7.51 1.23
CA LEU A 42 -2.54 8.61 2.24
C LEU A 42 -3.67 9.61 1.94
N GLU A 43 -3.83 9.99 0.70
CA GLU A 43 -4.93 10.95 0.38
C GLU A 43 -6.25 10.38 0.91
N LEU A 44 -6.37 9.09 0.88
CA LEU A 44 -7.61 8.43 1.37
C LEU A 44 -7.54 8.25 2.89
N GLY A 45 -6.39 8.51 3.46
CA GLY A 45 -6.26 8.36 4.94
C GLY A 45 -6.41 6.88 5.33
N LEU A 46 -5.87 5.99 4.54
CA LEU A 46 -5.98 4.55 4.86
C LEU A 46 -7.40 4.22 5.36
N ARG A 47 -8.40 4.79 4.76
CA ARG A 47 -9.81 4.54 5.21
C ARG A 47 -10.33 3.18 4.76
N VAL A 48 -10.71 3.06 3.52
CA VAL A 48 -11.27 1.77 3.01
C VAL A 48 -10.51 0.57 3.58
N TYR A 49 -9.43 0.20 2.95
CA TYR A 49 -8.63 -0.99 3.43
C TYR A 49 -8.68 -1.14 4.96
N GLU A 50 -8.82 -0.06 5.68
CA GLU A 50 -8.86 -0.15 7.16
C GLU A 50 -10.15 -0.82 7.62
N ALA A 51 -11.23 -0.63 6.90
CA ALA A 51 -12.52 -1.26 7.32
C ALA A 51 -12.32 -2.76 7.54
N GLN A 52 -11.41 -3.36 6.82
CA GLN A 52 -11.17 -4.82 6.99
C GLN A 52 -10.82 -5.13 8.45
N MET A 53 -10.25 -4.19 9.15
CA MET A 53 -9.89 -4.43 10.57
C MET A 53 -8.85 -5.56 10.67
N GLU A 54 -7.84 -5.52 9.84
CA GLU A 54 -6.80 -6.59 9.89
C GLU A 54 -5.58 -6.11 10.67
N ARG A 55 -5.80 -5.20 11.55
CA ARG A 55 -4.68 -4.65 12.37
C ARG A 55 -4.97 -4.82 13.86
N ALA A 1 22.49 -13.87 7.76
CA ALA A 1 21.21 -14.49 8.19
C ALA A 1 20.05 -13.88 7.38
N LYS A 2 20.05 -12.59 7.21
CA LYS A 2 18.94 -11.95 6.43
C LYS A 2 17.58 -12.54 6.85
N VAL A 3 17.11 -12.19 8.02
CA VAL A 3 15.80 -12.73 8.48
C VAL A 3 14.85 -11.59 8.83
N GLN A 4 15.26 -10.70 9.67
CA GLN A 4 14.38 -9.55 10.05
C GLN A 4 15.11 -8.63 11.04
N ALA A 5 14.38 -7.76 11.68
CA ALA A 5 15.03 -6.82 12.66
C ALA A 5 13.98 -6.03 13.42
N TYR A 6 13.52 -6.55 14.52
CA TYR A 6 12.48 -5.82 15.32
C TYR A 6 11.25 -5.53 14.45
N VAL A 7 10.13 -5.28 15.07
CA VAL A 7 8.89 -4.99 14.29
C VAL A 7 8.42 -3.56 14.54
N SER A 8 8.07 -2.85 13.52
CA SER A 8 7.60 -1.45 13.70
C SER A 8 6.36 -1.18 12.84
N ASP A 9 6.06 0.06 12.59
CA ASP A 9 4.86 0.39 11.76
C ASP A 9 4.98 -0.27 10.38
N GLU A 10 4.69 -1.54 10.28
CA GLU A 10 4.79 -2.22 8.97
C GLU A 10 3.74 -1.67 7.99
N ILE A 11 3.82 -0.40 7.70
CA ILE A 11 2.83 0.20 6.75
C ILE A 11 3.35 0.07 5.32
N VAL A 12 4.49 0.65 5.03
CA VAL A 12 5.05 0.56 3.65
C VAL A 12 4.98 -0.89 3.15
N TYR A 13 5.09 -1.84 4.03
CA TYR A 13 5.03 -3.27 3.60
C TYR A 13 3.61 -3.64 3.18
N LYS A 14 2.62 -3.14 3.89
CA LYS A 14 1.21 -3.47 3.55
C LYS A 14 0.83 -2.80 2.22
N ILE A 15 1.40 -1.66 1.95
CA ILE A 15 1.07 -0.95 0.66
C ILE A 15 1.70 -1.70 -0.50
N ASN A 16 2.93 -2.10 -0.37
CA ASN A 16 3.60 -2.83 -1.49
C ASN A 16 2.78 -4.06 -1.89
N LYS A 17 2.14 -4.70 -0.95
CA LYS A 17 1.32 -5.90 -1.29
C LYS A 17 0.03 -5.48 -2.00
N ILE A 18 -0.38 -4.25 -1.82
CA ILE A 18 -1.64 -3.78 -2.48
C ILE A 18 -1.34 -3.34 -3.91
N VAL A 19 -0.19 -2.79 -4.16
CA VAL A 19 0.14 -2.33 -5.54
C VAL A 19 0.37 -3.54 -6.46
N GLU A 20 1.15 -4.49 -6.02
CA GLU A 20 1.42 -5.68 -6.87
C GLU A 20 0.10 -6.36 -7.27
N ARG A 21 -0.85 -6.40 -6.36
CA ARG A 21 -2.15 -7.04 -6.69
C ARG A 21 -2.64 -6.56 -8.05
N ARG A 22 -2.33 -5.34 -8.42
CA ARG A 22 -2.78 -4.82 -9.73
C ARG A 22 -2.19 -5.68 -10.86
N ARG A 23 -0.98 -5.41 -11.25
CA ARG A 23 -0.36 -6.22 -12.34
C ARG A 23 -0.40 -7.71 -11.96
N ALA A 24 -0.35 -8.00 -10.68
CA ALA A 24 -0.41 -9.43 -10.25
C ALA A 24 -1.55 -10.14 -10.97
N GLU A 25 -2.70 -9.53 -11.02
CA GLU A 25 -3.84 -10.16 -11.71
C GLU A 25 -3.72 -9.97 -13.23
N GLY A 26 -2.99 -8.97 -13.66
CA GLY A 26 -2.82 -8.74 -15.11
C GLY A 26 -3.71 -7.57 -15.55
N ALA A 27 -3.75 -6.53 -14.78
CA ALA A 27 -4.59 -5.35 -15.15
C ALA A 27 -4.16 -4.79 -16.51
N LYS A 28 -4.49 -3.56 -16.78
CA LYS A 28 -4.10 -2.95 -18.09
C LYS A 28 -3.41 -1.61 -17.85
N SER A 29 -3.95 -0.79 -16.99
CA SER A 29 -3.31 0.53 -16.72
C SER A 29 -3.12 0.71 -15.22
N THR A 30 -3.03 -0.38 -14.52
CA THR A 30 -2.83 -0.31 -13.04
C THR A 30 -1.39 -0.72 -12.71
N ASP A 31 -0.45 -0.30 -13.50
CA ASP A 31 0.97 -0.67 -13.27
C ASP A 31 1.61 0.32 -12.29
N VAL A 32 0.81 1.01 -11.52
CA VAL A 32 1.38 1.99 -10.54
C VAL A 32 2.45 1.32 -9.68
N SER A 33 2.88 1.97 -8.63
CA SER A 33 3.93 1.38 -7.76
C SER A 33 3.72 1.80 -6.30
N PHE A 34 4.50 1.25 -5.41
CA PHE A 34 4.36 1.62 -3.98
C PHE A 34 4.39 3.14 -3.79
N SER A 35 5.51 3.75 -4.08
CA SER A 35 5.61 5.23 -3.93
C SER A 35 4.33 5.90 -4.46
N SER A 36 3.90 5.52 -5.63
CA SER A 36 2.66 6.13 -6.20
C SER A 36 1.43 5.69 -5.40
N ILE A 37 1.18 4.41 -5.35
CA ILE A 37 0.00 3.92 -4.58
C ILE A 37 0.05 4.42 -3.14
N SER A 38 1.21 4.80 -2.67
CA SER A 38 1.32 5.30 -1.27
C SER A 38 0.71 6.70 -1.15
N THR A 39 1.07 7.59 -2.04
CA THR A 39 0.52 8.98 -1.98
C THR A 39 -1.01 8.92 -1.87
N MET A 40 -1.66 8.31 -2.81
CA MET A 40 -3.15 8.22 -2.76
C MET A 40 -3.60 7.56 -1.46
N LEU A 41 -2.76 6.74 -0.88
CA LEU A 41 -3.13 6.06 0.39
C LEU A 41 -3.28 7.08 1.53
N LEU A 42 -2.22 7.77 1.85
CA LEU A 42 -2.31 8.77 2.95
C LEU A 42 -3.31 9.87 2.59
N GLU A 43 -3.45 10.18 1.34
CA GLU A 43 -4.41 11.22 0.93
C GLU A 43 -5.81 10.72 1.28
N LEU A 44 -6.00 9.44 1.20
CA LEU A 44 -7.32 8.84 1.53
C LEU A 44 -7.30 8.34 2.99
N GLY A 45 -6.18 8.45 3.65
CA GLY A 45 -6.11 7.98 5.06
C GLY A 45 -6.26 6.46 5.12
N LEU A 46 -5.90 5.77 4.07
CA LEU A 46 -6.01 4.28 4.07
C LEU A 46 -7.35 3.84 4.68
N ARG A 47 -8.35 4.69 4.63
CA ARG A 47 -9.68 4.33 5.21
C ARG A 47 -10.46 3.35 4.31
N VAL A 48 -10.55 3.65 3.04
CA VAL A 48 -11.33 2.77 2.12
C VAL A 48 -11.10 1.28 2.43
N TYR A 49 -10.20 0.63 1.73
CA TYR A 49 -9.96 -0.83 1.97
C TYR A 49 -10.12 -1.18 3.45
N GLU A 50 -9.84 -0.26 4.32
CA GLU A 50 -9.96 -0.53 5.77
C GLU A 50 -11.43 -0.51 6.19
N ALA A 51 -12.20 0.38 5.65
CA ALA A 51 -13.64 0.46 6.02
C ALA A 51 -14.39 -0.78 5.52
N GLN A 52 -13.78 -1.56 4.67
CA GLN A 52 -14.44 -2.78 4.15
C GLN A 52 -13.56 -4.01 4.42
N MET A 53 -12.92 -4.07 5.55
CA MET A 53 -12.06 -5.24 5.86
C MET A 53 -12.93 -6.45 6.24
N GLU A 54 -14.14 -6.21 6.65
CA GLU A 54 -15.02 -7.35 7.04
C GLU A 54 -16.46 -7.09 6.57
N ARG A 55 -17.34 -8.02 6.79
CA ARG A 55 -18.76 -7.83 6.35
C ARG A 55 -19.50 -6.95 7.37
N ALA A 1 26.09 -6.17 12.96
CA ALA A 1 25.57 -7.50 12.55
C ALA A 1 24.21 -7.76 13.20
N LYS A 2 24.02 -7.31 14.41
CA LYS A 2 22.72 -7.55 15.10
C LYS A 2 21.85 -6.28 15.00
N VAL A 3 20.88 -6.29 14.13
CA VAL A 3 19.99 -5.10 14.00
C VAL A 3 18.52 -5.49 14.17
N GLN A 4 18.06 -5.57 15.38
CA GLN A 4 16.64 -5.96 15.61
C GLN A 4 15.79 -4.72 15.89
N ALA A 5 14.50 -4.82 15.74
CA ALA A 5 13.62 -3.63 15.99
C ALA A 5 12.18 -4.10 16.24
N TYR A 6 11.72 -3.99 17.45
CA TYR A 6 10.32 -4.42 17.76
C TYR A 6 9.34 -3.27 17.49
N VAL A 7 8.12 -3.59 17.21
CA VAL A 7 7.10 -2.52 16.94
C VAL A 7 7.65 -1.53 15.91
N SER A 8 7.40 -1.77 14.65
CA SER A 8 7.90 -0.83 13.61
C SER A 8 6.80 -0.54 12.59
N ASP A 9 6.65 0.69 12.19
CA ASP A 9 5.60 1.04 11.21
C ASP A 9 5.84 0.33 9.87
N GLU A 10 5.60 -0.96 9.84
CA GLU A 10 5.83 -1.71 8.57
C GLU A 10 4.76 -1.33 7.53
N ILE A 11 4.75 -0.11 7.09
CA ILE A 11 3.74 0.32 6.09
C ILE A 11 4.18 -0.10 4.69
N VAL A 12 5.44 0.07 4.37
CA VAL A 12 5.93 -0.32 3.02
C VAL A 12 5.40 -1.71 2.64
N TYR A 13 5.54 -2.66 3.53
CA TYR A 13 5.03 -4.03 3.22
C TYR A 13 3.52 -4.00 3.00
N LYS A 14 2.79 -3.37 3.87
CA LYS A 14 1.32 -3.30 3.71
C LYS A 14 0.96 -2.62 2.39
N ILE A 15 1.59 -1.51 2.09
CA ILE A 15 1.29 -0.80 0.81
C ILE A 15 1.69 -1.67 -0.38
N ASN A 16 2.92 -2.09 -0.42
CA ASN A 16 3.37 -2.95 -1.55
C ASN A 16 2.34 -4.05 -1.82
N LYS A 17 1.90 -4.73 -0.81
CA LYS A 17 0.89 -5.80 -1.01
C LYS A 17 -0.19 -5.33 -1.98
N ILE A 18 -0.67 -4.13 -1.81
CA ILE A 18 -1.71 -3.61 -2.72
C ILE A 18 -1.11 -3.26 -4.09
N VAL A 19 0.10 -2.78 -4.09
CA VAL A 19 0.75 -2.42 -5.38
C VAL A 19 1.09 -3.69 -6.17
N GLU A 20 1.75 -4.63 -5.54
CA GLU A 20 2.09 -5.89 -6.26
C GLU A 20 0.84 -6.52 -6.87
N ARG A 21 -0.31 -6.21 -6.33
CA ARG A 21 -1.57 -6.78 -6.88
C ARG A 21 -1.84 -6.22 -8.27
N ARG A 22 -1.94 -4.92 -8.39
CA ARG A 22 -2.19 -4.32 -9.73
C ARG A 22 -1.28 -4.97 -10.77
N ARG A 23 0.00 -4.95 -10.56
CA ARG A 23 0.93 -5.59 -11.53
C ARG A 23 0.76 -7.10 -11.49
N ALA A 24 0.59 -7.66 -10.31
CA ALA A 24 0.41 -9.13 -10.21
C ALA A 24 -0.56 -9.59 -11.30
N GLU A 25 -1.62 -8.87 -11.50
CA GLU A 25 -2.60 -9.25 -12.54
C GLU A 25 -2.03 -8.93 -13.93
N GLY A 26 -1.20 -7.93 -14.03
CA GLY A 26 -0.60 -7.57 -15.34
C GLY A 26 -1.51 -6.57 -16.07
N ALA A 27 -2.44 -5.97 -15.37
CA ALA A 27 -3.34 -4.99 -16.04
C ALA A 27 -3.04 -3.57 -15.53
N LYS A 28 -1.79 -3.29 -15.28
CA LYS A 28 -1.38 -1.94 -14.81
C LYS A 28 0.02 -1.99 -14.20
N SER A 29 0.88 -2.81 -14.73
CA SER A 29 2.26 -2.89 -14.17
C SER A 29 3.17 -1.89 -14.87
N THR A 30 2.58 -0.95 -15.52
CA THR A 30 3.37 0.10 -16.22
C THR A 30 3.23 1.43 -15.47
N ASP A 31 2.07 1.66 -14.93
CA ASP A 31 1.84 2.92 -14.17
C ASP A 31 1.87 2.65 -12.66
N VAL A 32 1.19 1.64 -12.21
CA VAL A 32 1.17 1.33 -10.74
C VAL A 32 2.59 1.39 -10.17
N SER A 33 2.72 1.77 -8.93
CA SER A 33 4.07 1.84 -8.31
C SER A 33 3.94 2.19 -6.82
N PHE A 34 4.82 1.68 -6.01
CA PHE A 34 4.75 1.98 -4.55
C PHE A 34 4.46 3.46 -4.32
N SER A 35 5.26 4.33 -4.88
CA SER A 35 5.02 5.79 -4.70
C SER A 35 3.61 6.16 -5.15
N SER A 36 3.07 5.45 -6.10
CA SER A 36 1.70 5.76 -6.60
C SER A 36 0.65 5.20 -5.64
N ILE A 37 0.82 3.99 -5.19
CA ILE A 37 -0.19 3.40 -4.26
C ILE A 37 -0.11 4.06 -2.89
N SER A 38 1.06 4.27 -2.37
CA SER A 38 1.20 4.90 -1.02
C SER A 38 0.68 6.34 -1.07
N THR A 39 1.05 7.09 -2.07
CA THR A 39 0.59 8.51 -2.15
C THR A 39 -0.93 8.61 -1.98
N MET A 40 -1.68 7.88 -2.77
CA MET A 40 -3.17 7.95 -2.64
C MET A 40 -3.64 7.28 -1.34
N LEU A 41 -2.89 6.33 -0.85
CA LEU A 41 -3.30 5.65 0.42
C LEU A 41 -3.25 6.63 1.60
N LEU A 42 -2.16 7.34 1.74
CA LEU A 42 -2.04 8.30 2.87
C LEU A 42 -3.04 9.46 2.69
N GLU A 43 -3.14 9.98 1.50
CA GLU A 43 -4.09 11.11 1.28
C GLU A 43 -5.49 10.68 1.67
N LEU A 44 -5.76 9.40 1.56
CA LEU A 44 -7.09 8.87 1.94
C LEU A 44 -7.02 8.24 3.34
N GLY A 45 -5.85 8.22 3.94
CA GLY A 45 -5.72 7.62 5.29
C GLY A 45 -6.34 6.21 5.28
N LEU A 46 -6.10 5.47 4.23
CA LEU A 46 -6.65 4.08 4.13
C LEU A 46 -8.05 4.00 4.75
N ARG A 47 -8.80 5.07 4.70
CA ARG A 47 -10.16 5.05 5.29
C ARG A 47 -11.12 4.24 4.40
N VAL A 48 -11.74 4.87 3.45
CA VAL A 48 -12.68 4.15 2.56
C VAL A 48 -12.03 2.86 2.05
N TYR A 49 -10.72 2.82 2.02
CA TYR A 49 -10.02 1.60 1.54
C TYR A 49 -10.43 0.39 2.39
N GLU A 50 -10.29 0.47 3.68
CA GLU A 50 -10.68 -0.65 4.55
C GLU A 50 -12.20 -0.83 4.55
N ALA A 51 -12.91 0.11 4.01
CA ALA A 51 -14.40 0.00 3.97
C ALA A 51 -14.84 -0.92 2.84
N GLN A 52 -14.46 -0.63 1.63
CA GLN A 52 -14.87 -1.49 0.49
C GLN A 52 -14.50 -2.95 0.75
N MET A 53 -13.56 -3.19 1.64
CA MET A 53 -13.16 -4.59 1.94
C MET A 53 -14.04 -5.16 3.06
N GLU A 54 -14.18 -4.45 4.14
CA GLU A 54 -15.03 -4.95 5.26
C GLU A 54 -16.08 -3.91 5.64
N ARG A 55 -17.05 -4.29 6.42
CA ARG A 55 -18.11 -3.32 6.82
C ARG A 55 -18.91 -3.88 8.00
N ALA A 1 9.67 -7.34 22.10
CA ALA A 1 10.45 -6.07 22.15
C ALA A 1 11.44 -6.00 20.98
N LYS A 2 11.24 -6.82 19.98
CA LYS A 2 12.17 -6.81 18.82
C LYS A 2 11.54 -6.06 17.64
N VAL A 3 11.25 -4.80 17.82
CA VAL A 3 10.63 -4.00 16.72
C VAL A 3 11.51 -2.81 16.37
N GLN A 4 12.05 -2.15 17.35
CA GLN A 4 12.92 -0.97 17.08
C GLN A 4 12.27 -0.06 16.04
N ALA A 5 13.00 0.88 15.51
CA ALA A 5 12.43 1.79 14.49
C ALA A 5 11.35 2.68 15.12
N TYR A 6 11.73 3.82 15.63
CA TYR A 6 10.74 4.73 16.26
C TYR A 6 9.58 4.99 15.29
N VAL A 7 8.45 4.37 15.51
CA VAL A 7 7.29 4.59 14.59
C VAL A 7 7.73 4.41 13.14
N SER A 8 7.85 3.19 12.69
CA SER A 8 8.27 2.96 11.29
C SER A 8 7.07 3.04 10.34
N ASP A 9 7.28 3.49 9.14
CA ASP A 9 6.15 3.60 8.17
C ASP A 9 5.56 2.22 7.89
N GLU A 10 4.75 1.72 8.80
CA GLU A 10 4.13 0.38 8.59
C GLU A 10 3.29 0.38 7.31
N ILE A 11 3.00 1.54 6.77
CA ILE A 11 2.18 1.59 5.53
C ILE A 11 2.99 1.08 4.33
N VAL A 12 4.27 1.34 4.31
CA VAL A 12 5.11 0.87 3.17
C VAL A 12 4.72 -0.55 2.78
N TYR A 13 4.57 -1.42 3.74
CA TYR A 13 4.19 -2.83 3.43
C TYR A 13 2.78 -2.88 2.84
N LYS A 14 1.83 -2.27 3.50
CA LYS A 14 0.43 -2.30 2.97
C LYS A 14 0.39 -1.83 1.51
N ILE A 15 1.16 -0.84 1.17
CA ILE A 15 1.16 -0.35 -0.24
C ILE A 15 1.75 -1.42 -1.17
N ASN A 16 2.86 -1.99 -0.80
CA ASN A 16 3.48 -3.02 -1.67
C ASN A 16 2.42 -4.00 -2.17
N LYS A 17 1.40 -4.23 -1.39
CA LYS A 17 0.32 -5.16 -1.82
C LYS A 17 -0.52 -4.53 -2.94
N ILE A 18 -1.04 -3.36 -2.71
CA ILE A 18 -1.86 -2.68 -3.75
C ILE A 18 -1.10 -2.63 -5.07
N VAL A 19 0.11 -2.15 -5.05
CA VAL A 19 0.90 -2.08 -6.32
C VAL A 19 1.15 -3.48 -6.86
N GLU A 20 1.83 -4.31 -6.12
CA GLU A 20 2.11 -5.70 -6.59
C GLU A 20 0.80 -6.35 -7.10
N ARG A 21 -0.27 -6.17 -6.37
CA ARG A 21 -1.56 -6.78 -6.81
C ARG A 21 -1.76 -6.56 -8.31
N ARG A 22 -1.59 -5.36 -8.78
CA ARG A 22 -1.76 -5.09 -10.23
C ARG A 22 -1.09 -6.19 -11.06
N ARG A 23 0.18 -6.44 -10.81
CA ARG A 23 0.89 -7.50 -11.59
C ARG A 23 0.36 -8.88 -11.19
N ALA A 24 0.37 -9.20 -9.92
CA ALA A 24 -0.14 -10.53 -9.49
C ALA A 24 -1.51 -10.78 -10.12
N GLU A 25 -2.19 -9.73 -10.50
CA GLU A 25 -3.53 -9.90 -11.12
C GLU A 25 -3.42 -9.78 -12.65
N GLY A 26 -2.42 -9.10 -13.13
CA GLY A 26 -2.28 -8.95 -14.61
C GLY A 26 -2.24 -7.47 -14.97
N ALA A 27 -1.29 -6.74 -14.44
CA ALA A 27 -1.18 -5.29 -14.75
C ALA A 27 -1.09 -5.07 -16.26
N LYS A 28 -0.66 -3.92 -16.68
CA LYS A 28 -0.55 -3.66 -18.15
C LYS A 28 0.74 -2.89 -18.45
N SER A 29 1.05 -1.87 -17.69
CA SER A 29 2.30 -1.11 -17.94
C SER A 29 2.89 -0.62 -16.61
N THR A 30 3.90 0.22 -16.68
CA THR A 30 4.52 0.73 -15.42
C THR A 30 3.70 1.90 -14.86
N ASP A 31 2.55 2.14 -15.42
CA ASP A 31 1.71 3.27 -14.91
C ASP A 31 1.57 3.19 -13.39
N VAL A 32 1.67 2.02 -12.84
CA VAL A 32 1.56 1.87 -11.36
C VAL A 32 2.94 1.86 -10.71
N SER A 33 3.06 2.37 -9.51
CA SER A 33 4.38 2.39 -8.84
C SER A 33 4.20 2.44 -7.32
N PHE A 34 5.14 1.89 -6.58
CA PHE A 34 5.02 1.90 -5.09
C PHE A 34 4.89 3.35 -4.60
N SER A 35 5.63 4.26 -5.16
CA SER A 35 5.56 5.67 -4.71
C SER A 35 4.21 6.28 -5.11
N SER A 36 3.61 5.79 -6.17
CA SER A 36 2.30 6.34 -6.61
C SER A 36 1.17 5.75 -5.76
N ILE A 37 1.20 4.47 -5.50
CA ILE A 37 0.12 3.85 -4.69
C ILE A 37 0.30 4.19 -3.20
N SER A 38 1.50 4.55 -2.80
CA SER A 38 1.74 4.88 -1.37
C SER A 38 0.89 6.10 -0.96
N THR A 39 1.33 7.28 -1.30
CA THR A 39 0.56 8.50 -0.93
C THR A 39 -0.95 8.27 -1.12
N MET A 40 -1.32 7.52 -2.12
CA MET A 40 -2.77 7.26 -2.37
C MET A 40 -3.44 6.81 -1.07
N LEU A 41 -3.00 5.72 -0.50
CA LEU A 41 -3.63 5.23 0.77
C LEU A 41 -3.56 6.32 1.83
N LEU A 42 -2.38 6.76 2.18
CA LEU A 42 -2.26 7.82 3.23
C LEU A 42 -3.21 8.97 2.92
N GLU A 43 -3.28 9.40 1.69
CA GLU A 43 -4.20 10.50 1.34
C GLU A 43 -5.63 10.06 1.62
N LEU A 44 -5.82 8.78 1.72
CA LEU A 44 -7.17 8.25 2.00
C LEU A 44 -7.31 7.92 3.49
N GLY A 45 -6.24 8.10 4.24
CA GLY A 45 -6.30 7.79 5.70
C GLY A 45 -6.44 6.29 5.90
N LEU A 46 -6.33 5.51 4.84
CA LEU A 46 -6.45 4.02 4.95
C LEU A 46 -7.91 3.58 5.10
N ARG A 47 -8.73 4.38 5.72
CA ARG A 47 -10.16 3.98 5.90
C ARG A 47 -10.90 4.04 4.55
N VAL A 48 -11.04 5.21 4.00
CA VAL A 48 -11.76 5.33 2.69
C VAL A 48 -11.34 4.21 1.75
N TYR A 49 -10.11 3.78 1.84
CA TYR A 49 -9.63 2.68 0.95
C TYR A 49 -10.23 1.34 1.41
N GLU A 50 -9.80 0.85 2.53
CA GLU A 50 -10.33 -0.45 3.04
C GLU A 50 -11.86 -0.37 3.18
N ALA A 51 -12.40 0.81 3.27
CA ALA A 51 -13.88 0.94 3.41
C ALA A 51 -14.58 0.32 2.20
N GLN A 52 -13.92 0.26 1.08
CA GLN A 52 -14.56 -0.34 -0.13
C GLN A 52 -15.19 -1.69 0.22
N MET A 53 -14.51 -2.51 0.98
CA MET A 53 -15.07 -3.84 1.35
C MET A 53 -14.47 -4.32 2.66
N GLU A 54 -13.20 -4.62 2.67
CA GLU A 54 -12.55 -5.10 3.92
C GLU A 54 -11.06 -5.38 3.67
N ARG A 55 -10.25 -5.33 4.70
CA ARG A 55 -8.79 -5.60 4.51
C ARG A 55 -8.59 -6.87 3.70
N ALA A 1 6.23 3.74 27.53
CA ALA A 1 6.44 4.48 26.25
C ALA A 1 7.94 4.55 25.94
N LYS A 2 8.30 4.43 24.70
CA LYS A 2 9.75 4.49 24.32
C LYS A 2 10.03 5.75 23.50
N VAL A 3 10.19 6.87 24.16
CA VAL A 3 10.48 8.15 23.45
C VAL A 3 9.73 8.20 22.11
N GLN A 4 8.45 8.47 22.14
CA GLN A 4 7.66 8.52 20.88
C GLN A 4 7.70 7.17 20.17
N ALA A 5 6.73 6.90 19.34
CA ALA A 5 6.72 5.59 18.62
C ALA A 5 6.45 5.82 17.12
N TYR A 6 7.48 5.80 16.32
CA TYR A 6 7.29 6.01 14.86
C TYR A 6 7.75 4.78 14.06
N VAL A 7 7.28 3.62 14.42
CA VAL A 7 7.69 2.39 13.69
C VAL A 7 6.49 1.77 12.96
N SER A 8 5.88 2.49 12.08
CA SER A 8 4.70 1.94 11.34
C SER A 8 5.17 1.19 10.09
N ASP A 9 6.08 0.27 10.25
CA ASP A 9 6.59 -0.50 9.08
C ASP A 9 5.46 -1.31 8.45
N GLU A 10 4.66 -1.96 9.25
CA GLU A 10 3.54 -2.78 8.70
C GLU A 10 2.79 -2.00 7.61
N ILE A 11 2.48 -0.77 7.86
CA ILE A 11 1.74 0.03 6.83
C ILE A 11 2.47 -0.04 5.48
N VAL A 12 3.76 0.15 5.47
CA VAL A 12 4.51 0.09 4.18
C VAL A 12 4.40 -1.31 3.57
N TYR A 13 4.32 -2.32 4.39
CA TYR A 13 4.20 -3.70 3.84
C TYR A 13 2.90 -3.86 3.06
N LYS A 14 1.80 -3.46 3.63
CA LYS A 14 0.50 -3.59 2.91
C LYS A 14 0.59 -2.94 1.53
N ILE A 15 1.44 -1.96 1.39
CA ILE A 15 1.57 -1.29 0.06
C ILE A 15 2.33 -2.20 -0.92
N ASN A 16 3.56 -2.51 -0.62
CA ASN A 16 4.36 -3.39 -1.53
C ASN A 16 3.48 -4.53 -2.05
N LYS A 17 2.48 -4.92 -1.31
CA LYS A 17 1.59 -6.01 -1.77
C LYS A 17 0.65 -5.47 -2.85
N ILE A 18 -0.16 -4.50 -2.52
CA ILE A 18 -1.09 -3.92 -3.52
C ILE A 18 -0.33 -3.62 -4.81
N VAL A 19 0.72 -2.86 -4.72
CA VAL A 19 1.52 -2.54 -5.94
C VAL A 19 1.73 -3.81 -6.78
N GLU A 20 2.52 -4.72 -6.28
CA GLU A 20 2.78 -5.98 -7.04
C GLU A 20 1.46 -6.56 -7.57
N ARG A 21 0.37 -6.30 -6.90
CA ARG A 21 -0.94 -6.85 -7.37
C ARG A 21 -1.39 -6.14 -8.65
N ARG A 22 -1.10 -4.87 -8.77
CA ARG A 22 -1.51 -4.13 -9.99
C ARG A 22 -1.22 -4.96 -11.23
N ARG A 23 -0.08 -5.59 -11.29
CA ARG A 23 0.26 -6.42 -12.48
C ARG A 23 -0.56 -7.71 -12.48
N ALA A 24 -0.43 -8.51 -11.47
CA ALA A 24 -1.22 -9.77 -11.41
C ALA A 24 -2.66 -9.47 -11.82
N GLU A 25 -3.10 -8.26 -11.60
CA GLU A 25 -4.49 -7.89 -11.97
C GLU A 25 -4.53 -7.46 -13.45
N GLY A 26 -3.46 -6.91 -13.95
CA GLY A 26 -3.45 -6.47 -15.38
C GLY A 26 -3.02 -5.01 -15.47
N ALA A 27 -1.94 -4.66 -14.82
CA ALA A 27 -1.48 -3.24 -14.87
C ALA A 27 -1.32 -2.79 -16.31
N LYS A 28 -0.72 -1.65 -16.53
CA LYS A 28 -0.53 -1.15 -17.92
C LYS A 28 0.93 -0.76 -18.16
N SER A 29 1.49 0.03 -17.28
CA SER A 29 2.91 0.44 -17.46
C SER A 29 3.63 0.48 -16.11
N THR A 30 4.78 1.09 -16.05
CA THR A 30 5.53 1.16 -14.77
C THR A 30 5.09 2.38 -13.97
N ASP A 31 4.17 3.15 -14.49
CA ASP A 31 3.70 4.36 -13.76
C ASP A 31 3.31 3.99 -12.32
N VAL A 32 2.92 2.77 -12.11
CA VAL A 32 2.51 2.35 -10.73
C VAL A 32 3.75 2.01 -9.90
N SER A 33 3.71 2.27 -8.63
CA SER A 33 4.89 1.97 -7.76
C SER A 33 4.54 2.21 -6.29
N PHE A 34 5.48 2.01 -5.40
CA PHE A 34 5.20 2.22 -3.95
C PHE A 34 4.68 3.64 -3.72
N SER A 35 5.49 4.63 -4.02
CA SER A 35 5.04 6.04 -3.81
C SER A 35 3.65 6.25 -4.41
N SER A 36 3.45 5.80 -5.62
CA SER A 36 2.11 5.98 -6.26
C SER A 36 1.02 5.26 -5.45
N ILE A 37 1.09 3.96 -5.37
CA ILE A 37 0.06 3.20 -4.61
C ILE A 37 -0.04 3.74 -3.18
N SER A 38 1.07 4.09 -2.58
CA SER A 38 1.02 4.62 -1.19
C SER A 38 0.48 6.05 -1.16
N THR A 39 0.99 6.90 -2.01
CA THR A 39 0.52 8.32 -2.04
C THR A 39 -1.01 8.37 -2.12
N MET A 40 -1.61 7.55 -2.92
CA MET A 40 -3.10 7.57 -3.05
C MET A 40 -3.75 7.09 -1.74
N LEU A 41 -3.10 6.22 -1.02
CA LEU A 41 -3.70 5.72 0.25
C LEU A 41 -3.73 6.83 1.29
N LEU A 42 -2.65 7.52 1.48
CA LEU A 42 -2.64 8.62 2.50
C LEU A 42 -3.58 9.75 2.08
N GLU A 43 -4.00 9.78 0.84
CA GLU A 43 -4.93 10.84 0.41
C GLU A 43 -6.24 10.65 1.15
N LEU A 44 -6.56 9.42 1.45
CA LEU A 44 -7.81 9.11 2.19
C LEU A 44 -7.48 8.87 3.67
N GLY A 45 -6.21 8.82 4.00
CA GLY A 45 -5.82 8.57 5.42
C GLY A 45 -5.86 7.07 5.71
N LEU A 46 -5.81 6.26 4.67
CA LEU A 46 -5.85 4.79 4.89
C LEU A 46 -7.19 4.37 5.52
N ARG A 47 -8.12 5.28 5.61
CA ARG A 47 -9.45 4.94 6.21
C ARG A 47 -10.28 4.12 5.24
N VAL A 48 -10.92 4.76 4.30
CA VAL A 48 -11.76 4.03 3.32
C VAL A 48 -11.02 2.77 2.83
N TYR A 49 -9.73 2.84 2.68
CA TYR A 49 -8.97 1.65 2.22
C TYR A 49 -9.33 0.42 3.07
N GLU A 50 -9.23 0.54 4.36
CA GLU A 50 -9.57 -0.60 5.24
C GLU A 50 -11.04 -0.98 5.08
N ALA A 51 -11.81 -0.15 4.45
CA ALA A 51 -13.26 -0.47 4.25
C ALA A 51 -13.40 -1.73 3.40
N GLN A 52 -12.68 -1.81 2.33
CA GLN A 52 -12.76 -3.02 1.45
C GLN A 52 -11.66 -4.01 1.80
N MET A 53 -11.35 -4.15 3.06
CA MET A 53 -10.29 -5.11 3.48
C MET A 53 -10.68 -6.54 3.11
N GLU A 54 -11.88 -6.93 3.45
CA GLU A 54 -12.33 -8.32 3.11
C GLU A 54 -13.74 -8.28 2.52
N ARG A 55 -14.13 -9.32 1.82
CA ARG A 55 -15.48 -9.36 1.21
C ARG A 55 -16.06 -10.78 1.28
N ALA A 1 19.40 9.50 14.69
CA ALA A 1 19.81 9.68 13.27
C ALA A 1 18.93 8.82 12.35
N LYS A 2 19.30 7.58 12.15
CA LYS A 2 18.49 6.69 11.27
C LYS A 2 17.37 6.03 12.08
N VAL A 3 16.48 6.81 12.64
CA VAL A 3 15.37 6.21 13.44
C VAL A 3 14.77 5.01 12.69
N GLN A 4 14.33 4.02 13.42
CA GLN A 4 13.74 2.82 12.75
C GLN A 4 12.41 3.18 12.10
N ALA A 5 11.99 2.41 11.13
CA ALA A 5 10.70 2.71 10.44
C ALA A 5 10.67 4.17 9.99
N TYR A 6 11.30 4.48 8.89
CA TYR A 6 11.31 5.88 8.39
C TYR A 6 10.20 6.08 7.36
N VAL A 7 9.89 7.31 7.03
CA VAL A 7 8.82 7.56 6.03
C VAL A 7 7.51 6.88 6.46
N SER A 8 7.31 5.66 6.06
CA SER A 8 6.07 4.94 6.44
C SER A 8 6.41 3.76 7.36
N ASP A 9 5.63 3.57 8.40
CA ASP A 9 5.90 2.44 9.33
C ASP A 9 5.53 1.10 8.68
N GLU A 10 4.75 0.29 9.35
CA GLU A 10 4.35 -1.02 8.76
C GLU A 10 3.47 -0.81 7.52
N ILE A 11 2.99 0.39 7.33
CA ILE A 11 2.12 0.66 6.14
C ILE A 11 2.85 0.25 4.86
N VAL A 12 4.15 0.32 4.84
CA VAL A 12 4.91 -0.06 3.62
C VAL A 12 4.40 -1.39 3.08
N TYR A 13 4.20 -2.36 3.93
CA TYR A 13 3.70 -3.69 3.45
C TYR A 13 2.31 -3.54 2.84
N LYS A 14 1.36 -3.10 3.62
CA LYS A 14 -0.01 -2.95 3.10
C LYS A 14 -0.01 -2.34 1.70
N ILE A 15 0.90 -1.44 1.43
CA ILE A 15 0.94 -0.81 0.08
C ILE A 15 1.48 -1.81 -0.95
N ASN A 16 2.68 -2.28 -0.77
CA ASN A 16 3.24 -3.26 -1.75
C ASN A 16 2.20 -4.32 -2.11
N LYS A 17 1.26 -4.56 -1.23
CA LYS A 17 0.22 -5.59 -1.51
C LYS A 17 -0.65 -5.15 -2.71
N ILE A 18 -1.55 -4.24 -2.50
CA ILE A 18 -2.44 -3.78 -3.61
C ILE A 18 -1.61 -3.55 -4.89
N VAL A 19 -0.49 -2.90 -4.78
CA VAL A 19 0.34 -2.64 -5.99
C VAL A 19 0.75 -3.96 -6.66
N GLU A 20 1.27 -4.89 -5.89
CA GLU A 20 1.68 -6.19 -6.48
C GLU A 20 0.64 -6.69 -7.49
N ARG A 21 -0.62 -6.66 -7.12
CA ARG A 21 -1.67 -7.13 -8.05
C ARG A 21 -1.40 -6.62 -9.47
N ARG A 22 -1.16 -5.35 -9.63
CA ARG A 22 -0.88 -4.81 -11.00
C ARG A 22 0.15 -5.68 -11.71
N ARG A 23 1.32 -5.82 -11.15
CA ARG A 23 2.37 -6.65 -11.80
C ARG A 23 1.94 -8.13 -11.80
N ALA A 24 1.54 -8.64 -10.67
CA ALA A 24 1.11 -10.07 -10.61
C ALA A 24 0.22 -10.37 -11.81
N GLU A 25 -0.53 -9.41 -12.27
CA GLU A 25 -1.41 -9.62 -13.43
C GLU A 25 -0.60 -9.43 -14.73
N GLY A 26 0.43 -8.64 -14.69
CA GLY A 26 1.25 -8.42 -15.92
C GLY A 26 1.17 -6.94 -16.33
N ALA A 27 1.34 -6.05 -15.40
CA ALA A 27 1.27 -4.59 -15.74
C ALA A 27 2.68 -4.00 -15.80
N LYS A 28 2.87 -2.97 -16.58
CA LYS A 28 4.23 -2.35 -16.66
C LYS A 28 4.10 -0.83 -16.84
N SER A 29 3.54 -0.16 -15.88
CA SER A 29 3.38 1.31 -15.99
C SER A 29 3.59 1.98 -14.62
N THR A 30 4.08 3.18 -14.61
CA THR A 30 4.31 3.88 -13.31
C THR A 30 2.97 4.16 -12.61
N ASP A 31 1.88 3.91 -13.27
CA ASP A 31 0.55 4.16 -12.65
C ASP A 31 0.47 3.47 -11.29
N VAL A 32 1.09 2.32 -11.16
CA VAL A 32 1.05 1.60 -9.86
C VAL A 32 2.47 1.41 -9.32
N SER A 33 2.64 1.46 -8.03
CA SER A 33 4.00 1.28 -7.44
C SER A 33 3.96 1.57 -5.94
N PHE A 34 5.09 1.56 -5.29
CA PHE A 34 5.10 1.84 -3.82
C PHE A 34 4.73 3.29 -3.56
N SER A 35 5.54 4.22 -4.01
CA SER A 35 5.22 5.66 -3.78
C SER A 35 4.00 6.07 -4.59
N SER A 36 3.60 5.28 -5.55
CA SER A 36 2.40 5.63 -6.37
C SER A 36 1.12 5.32 -5.60
N ILE A 37 0.88 4.07 -5.31
CA ILE A 37 -0.35 3.70 -4.57
C ILE A 37 -0.36 4.38 -3.19
N SER A 38 0.76 4.42 -2.53
CA SER A 38 0.81 5.06 -1.18
C SER A 38 0.25 6.49 -1.27
N THR A 39 0.60 7.20 -2.30
CA THR A 39 0.10 8.60 -2.44
C THR A 39 -1.42 8.64 -2.22
N MET A 40 -2.18 8.13 -3.15
CA MET A 40 -3.66 8.13 -2.99
C MET A 40 -4.05 7.53 -1.63
N LEU A 41 -3.27 6.60 -1.15
CA LEU A 41 -3.58 5.96 0.16
C LEU A 41 -3.42 6.98 1.31
N LEU A 42 -2.25 7.56 1.42
CA LEU A 42 -2.03 8.55 2.52
C LEU A 42 -3.01 9.72 2.41
N GLU A 43 -3.19 10.25 1.24
CA GLU A 43 -4.14 11.39 1.08
C GLU A 43 -5.51 10.97 1.60
N LEU A 44 -5.77 9.70 1.62
CA LEU A 44 -7.09 9.21 2.11
C LEU A 44 -6.93 8.70 3.56
N GLY A 45 -5.76 8.79 4.11
CA GLY A 45 -5.56 8.32 5.51
C GLY A 45 -5.99 6.86 5.59
N LEU A 46 -5.58 6.06 4.63
CA LEU A 46 -5.93 4.60 4.57
C LEU A 46 -7.18 4.28 5.41
N ARG A 47 -8.21 5.08 5.29
CA ARG A 47 -9.44 4.79 6.07
C ARG A 47 -10.21 3.63 5.44
N VAL A 48 -11.07 3.91 4.49
CA VAL A 48 -11.83 2.82 3.83
C VAL A 48 -10.86 1.80 3.23
N TYR A 49 -9.63 2.19 3.04
CA TYR A 49 -8.64 1.24 2.47
C TYR A 49 -8.28 0.16 3.49
N GLU A 50 -7.88 0.55 4.67
CA GLU A 50 -7.52 -0.45 5.70
C GLU A 50 -8.78 -1.15 6.21
N ALA A 51 -9.93 -0.73 5.77
CA ALA A 51 -11.20 -1.37 6.23
C ALA A 51 -11.42 -2.71 5.53
N GLN A 52 -11.25 -2.74 4.24
CA GLN A 52 -11.44 -4.03 3.50
C GLN A 52 -10.68 -5.15 4.20
N MET A 53 -9.55 -4.84 4.78
CA MET A 53 -8.77 -5.90 5.48
C MET A 53 -9.41 -6.23 6.84
N GLU A 54 -10.24 -5.35 7.33
CA GLU A 54 -10.91 -5.62 8.64
C GLU A 54 -12.34 -6.11 8.42
N ARG A 55 -12.97 -6.61 9.44
CA ARG A 55 -14.38 -7.10 9.28
C ARG A 55 -15.24 -6.02 8.61
N ALA A 1 6.24 7.44 26.54
CA ALA A 1 6.83 6.07 26.43
C ALA A 1 5.81 5.12 25.81
N LYS A 2 4.56 5.30 26.10
CA LYS A 2 3.52 4.39 25.53
C LYS A 2 2.80 5.08 24.36
N VAL A 3 3.56 5.66 23.47
CA VAL A 3 2.93 6.35 22.30
C VAL A 3 3.39 5.72 20.99
N GLN A 4 3.47 4.41 20.95
CA GLN A 4 3.92 3.74 19.69
C GLN A 4 5.11 4.49 19.08
N ALA A 5 5.46 4.17 17.87
CA ALA A 5 6.61 4.86 17.21
C ALA A 5 6.15 5.54 15.92
N TYR A 6 5.54 6.69 16.01
CA TYR A 6 5.07 7.40 14.79
C TYR A 6 4.47 6.41 13.79
N VAL A 7 3.32 5.87 14.10
CA VAL A 7 2.68 4.89 13.17
C VAL A 7 3.69 3.82 12.75
N SER A 8 3.61 2.66 13.36
CA SER A 8 4.56 1.57 13.00
C SER A 8 4.68 1.45 11.47
N ASP A 9 5.83 1.06 10.99
CA ASP A 9 6.01 0.93 9.52
C ASP A 9 5.22 -0.28 8.99
N GLU A 10 4.58 -1.02 9.84
CA GLU A 10 3.80 -2.20 9.37
C GLU A 10 3.01 -1.85 8.12
N ILE A 11 2.65 -0.61 7.95
CA ILE A 11 1.87 -0.21 6.73
C ILE A 11 2.77 -0.21 5.51
N VAL A 12 4.07 -0.09 5.70
CA VAL A 12 4.99 -0.08 4.53
C VAL A 12 5.03 -1.46 3.86
N TYR A 13 4.89 -2.51 4.63
CA TYR A 13 4.91 -3.88 4.04
C TYR A 13 3.63 -4.12 3.23
N LYS A 14 2.52 -3.57 3.67
CA LYS A 14 1.25 -3.78 2.93
C LYS A 14 1.25 -2.96 1.64
N ILE A 15 1.58 -1.70 1.72
CA ILE A 15 1.59 -0.84 0.50
C ILE A 15 2.21 -1.61 -0.67
N ASN A 16 3.30 -2.29 -0.43
CA ASN A 16 3.96 -3.05 -1.52
C ASN A 16 2.99 -4.08 -2.11
N LYS A 17 2.11 -4.60 -1.31
CA LYS A 17 1.14 -5.61 -1.82
C LYS A 17 0.24 -4.99 -2.88
N ILE A 18 -0.29 -3.83 -2.62
CA ILE A 18 -1.19 -3.18 -3.63
C ILE A 18 -0.51 -3.20 -5.00
N VAL A 19 0.66 -2.61 -5.11
CA VAL A 19 1.36 -2.61 -6.42
C VAL A 19 1.28 -3.99 -7.06
N GLU A 20 2.02 -4.93 -6.51
CA GLU A 20 2.00 -6.32 -7.08
C GLU A 20 0.59 -6.70 -7.53
N ARG A 21 -0.41 -6.34 -6.78
CA ARG A 21 -1.81 -6.68 -7.18
C ARG A 21 -2.19 -5.88 -8.42
N ARG A 22 -1.76 -4.66 -8.52
CA ARG A 22 -2.12 -3.84 -9.72
C ARG A 22 -1.89 -4.66 -10.99
N ARG A 23 -0.70 -5.16 -11.17
CA ARG A 23 -0.41 -5.98 -12.39
C ARG A 23 -1.09 -7.35 -12.26
N ALA A 24 -1.33 -7.79 -11.06
CA ALA A 24 -2.01 -9.10 -10.88
C ALA A 24 -3.46 -8.95 -11.34
N GLU A 25 -3.96 -7.75 -11.33
CA GLU A 25 -5.35 -7.51 -11.76
C GLU A 25 -5.37 -7.15 -13.25
N GLY A 26 -4.32 -6.56 -13.78
CA GLY A 26 -4.32 -6.21 -15.22
C GLY A 26 -3.76 -4.80 -15.41
N ALA A 27 -2.75 -4.44 -14.66
CA ALA A 27 -2.16 -3.08 -14.79
C ALA A 27 -1.70 -2.84 -16.23
N LYS A 28 -0.78 -1.95 -16.41
CA LYS A 28 -0.27 -1.65 -17.78
C LYS A 28 1.25 -1.75 -17.83
N SER A 29 1.91 -1.29 -16.80
CA SER A 29 3.41 -1.36 -16.79
C SER A 29 3.94 -1.12 -15.38
N THR A 30 5.22 -0.88 -15.26
CA THR A 30 5.80 -0.62 -13.91
C THR A 30 5.64 0.85 -13.53
N ASP A 31 4.80 1.57 -14.21
CA ASP A 31 4.61 3.01 -13.88
C ASP A 31 4.16 3.15 -12.43
N VAL A 32 3.68 2.10 -11.83
CA VAL A 32 3.24 2.17 -10.41
C VAL A 32 4.39 1.80 -9.48
N SER A 33 4.22 2.01 -8.20
CA SER A 33 5.31 1.66 -7.24
C SER A 33 4.91 2.10 -5.83
N PHE A 34 5.71 1.80 -4.85
CA PHE A 34 5.38 2.22 -3.46
C PHE A 34 4.97 3.69 -3.42
N SER A 35 5.89 4.57 -3.70
CA SER A 35 5.56 6.03 -3.69
C SER A 35 4.19 6.27 -4.34
N SER A 36 3.93 5.61 -5.43
CA SER A 36 2.61 5.80 -6.12
C SER A 36 1.49 5.16 -5.29
N ILE A 37 1.64 3.92 -4.93
CA ILE A 37 0.59 3.24 -4.13
C ILE A 37 0.51 3.84 -2.73
N SER A 38 1.53 4.52 -2.30
CA SER A 38 1.49 5.13 -0.93
C SER A 38 0.60 6.37 -0.94
N THR A 39 0.93 7.35 -1.74
CA THR A 39 0.12 8.60 -1.80
C THR A 39 -1.36 8.29 -2.00
N MET A 40 -1.71 7.53 -3.01
CA MET A 40 -3.15 7.22 -3.26
C MET A 40 -3.85 6.83 -1.96
N LEU A 41 -3.25 5.99 -1.16
CA LEU A 41 -3.89 5.58 0.12
C LEU A 41 -3.96 6.76 1.09
N LEU A 42 -2.84 7.38 1.36
CA LEU A 42 -2.84 8.54 2.30
C LEU A 42 -3.81 9.61 1.83
N GLU A 43 -4.06 9.71 0.55
CA GLU A 43 -5.01 10.73 0.04
C GLU A 43 -6.40 10.43 0.60
N LEU A 44 -6.63 9.18 0.92
CA LEU A 44 -7.95 8.78 1.47
C LEU A 44 -7.85 8.64 3.00
N GLY A 45 -6.68 8.79 3.54
CA GLY A 45 -6.51 8.67 5.02
C GLY A 45 -6.14 7.22 5.37
N LEU A 46 -6.11 6.34 4.39
CA LEU A 46 -5.75 4.92 4.66
C LEU A 46 -6.95 4.15 5.27
N ARG A 47 -7.87 4.84 5.90
CA ARG A 47 -9.03 4.13 6.51
C ARG A 47 -10.01 3.67 5.43
N VAL A 48 -10.11 4.39 4.34
CA VAL A 48 -11.05 3.99 3.26
C VAL A 48 -10.69 2.60 2.74
N TYR A 49 -9.54 2.46 2.13
CA TYR A 49 -9.14 1.13 1.59
C TYR A 49 -9.50 0.02 2.59
N GLU A 50 -8.94 0.07 3.77
CA GLU A 50 -9.24 -0.97 4.78
C GLU A 50 -10.74 -1.01 5.08
N ALA A 51 -11.39 0.12 5.10
CA ALA A 51 -12.85 0.15 5.38
C ALA A 51 -13.63 -0.47 4.21
N GLN A 52 -13.27 -0.13 3.00
CA GLN A 52 -13.99 -0.70 1.83
C GLN A 52 -13.97 -2.23 1.88
N MET A 53 -13.10 -2.80 2.67
CA MET A 53 -13.04 -4.29 2.75
C MET A 53 -14.09 -4.81 3.73
N GLU A 54 -14.55 -3.98 4.63
CA GLU A 54 -15.58 -4.43 5.61
C GLU A 54 -16.60 -3.33 5.86
N ARG A 55 -17.68 -3.63 6.53
CA ARG A 55 -18.71 -2.60 6.80
C ARG A 55 -19.00 -1.79 5.54
N ALA A 1 21.07 -11.33 19.46
CA ALA A 1 20.32 -11.70 18.22
C ALA A 1 19.80 -10.44 17.52
N LYS A 2 18.80 -9.82 18.07
CA LYS A 2 18.25 -8.59 17.43
C LYS A 2 19.39 -7.66 16.99
N VAL A 3 19.32 -7.16 15.79
CA VAL A 3 20.39 -6.25 15.31
C VAL A 3 19.83 -5.27 14.27
N GLN A 4 18.94 -5.73 13.43
CA GLN A 4 18.36 -4.83 12.39
C GLN A 4 17.46 -3.78 13.06
N ALA A 5 17.02 -2.80 12.32
CA ALA A 5 16.15 -1.75 12.91
C ALA A 5 14.77 -1.75 12.25
N TYR A 6 14.19 -2.92 12.07
CA TYR A 6 12.86 -2.99 11.43
C TYR A 6 11.77 -2.59 12.43
N VAL A 7 11.86 -1.40 12.97
CA VAL A 7 10.82 -0.95 13.95
C VAL A 7 10.23 0.39 13.51
N SER A 8 10.28 0.69 12.23
CA SER A 8 9.71 1.97 11.74
C SER A 8 8.39 1.73 11.03
N ASP A 9 7.95 2.67 10.24
CA ASP A 9 6.67 2.50 9.50
C ASP A 9 6.73 1.26 8.61
N GLU A 10 6.53 0.11 9.18
CA GLU A 10 6.57 -1.14 8.36
C GLU A 10 5.49 -1.12 7.28
N ILE A 11 4.58 -0.19 7.35
CA ILE A 11 3.50 -0.12 6.32
C ILE A 11 4.10 -0.13 4.91
N VAL A 12 5.20 0.54 4.72
CA VAL A 12 5.83 0.57 3.37
C VAL A 12 5.92 -0.86 2.80
N TYR A 13 6.24 -1.81 3.63
CA TYR A 13 6.35 -3.21 3.15
C TYR A 13 4.95 -3.77 2.87
N LYS A 14 3.96 -3.30 3.57
CA LYS A 14 2.58 -3.81 3.33
C LYS A 14 2.04 -3.26 2.01
N ILE A 15 2.42 -2.07 1.65
CA ILE A 15 1.93 -1.48 0.36
C ILE A 15 2.53 -2.23 -0.83
N ASN A 16 3.61 -2.95 -0.61
CA ASN A 16 4.25 -3.69 -1.72
C ASN A 16 3.26 -4.70 -2.31
N LYS A 17 2.59 -5.45 -1.47
CA LYS A 17 1.61 -6.46 -1.96
C LYS A 17 0.39 -5.76 -2.54
N ILE A 18 0.12 -4.56 -2.11
CA ILE A 18 -1.07 -3.82 -2.63
C ILE A 18 -0.85 -3.43 -4.09
N VAL A 19 0.27 -2.83 -4.40
CA VAL A 19 0.54 -2.42 -5.80
C VAL A 19 0.78 -3.66 -6.67
N GLU A 20 1.72 -4.49 -6.31
CA GLU A 20 1.99 -5.70 -7.11
C GLU A 20 0.67 -6.40 -7.50
N ARG A 21 -0.33 -6.28 -6.68
CA ARG A 21 -1.63 -6.92 -6.99
C ARG A 21 -2.06 -6.57 -8.42
N ARG A 22 -1.96 -5.33 -8.79
CA ARG A 22 -2.36 -4.93 -10.17
C ARG A 22 -1.77 -5.91 -11.18
N ARG A 23 -0.50 -5.80 -11.46
CA ARG A 23 0.12 -6.74 -12.43
C ARG A 23 -0.05 -8.18 -11.94
N ALA A 24 0.05 -8.40 -10.67
CA ALA A 24 -0.12 -9.78 -10.13
C ALA A 24 -1.33 -10.44 -10.79
N GLU A 25 -2.39 -9.70 -10.99
CA GLU A 25 -3.59 -10.29 -11.64
C GLU A 25 -3.43 -10.28 -13.16
N GLY A 26 -2.58 -9.44 -13.68
CA GLY A 26 -2.38 -9.39 -15.16
C GLY A 26 -2.63 -7.96 -15.66
N ALA A 27 -2.37 -6.99 -14.85
CA ALA A 27 -2.58 -5.58 -15.28
C ALA A 27 -1.43 -5.12 -16.19
N LYS A 28 -1.32 -3.84 -16.42
CA LYS A 28 -0.21 -3.34 -17.30
C LYS A 28 -0.02 -1.83 -17.10
N SER A 29 0.74 -1.20 -17.95
CA SER A 29 0.97 0.26 -17.80
C SER A 29 1.63 0.56 -16.46
N THR A 30 2.61 1.42 -16.45
CA THR A 30 3.31 1.75 -15.17
C THR A 30 2.55 2.84 -14.42
N ASP A 31 1.31 3.09 -14.78
CA ASP A 31 0.53 4.15 -14.09
C ASP A 31 0.53 3.90 -12.58
N VAL A 32 0.60 2.66 -12.18
CA VAL A 32 0.61 2.34 -10.71
C VAL A 32 2.05 2.16 -10.22
N SER A 33 2.29 2.41 -8.96
CA SER A 33 3.66 2.25 -8.41
C SER A 33 3.63 2.30 -6.88
N PHE A 34 4.61 1.72 -6.24
CA PHE A 34 4.64 1.73 -4.75
C PHE A 34 4.39 3.15 -4.23
N SER A 35 5.09 4.11 -4.76
CA SER A 35 4.90 5.52 -4.29
C SER A 35 3.49 6.01 -4.63
N SER A 36 2.99 5.63 -5.78
CA SER A 36 1.62 6.09 -6.17
C SER A 36 0.56 5.45 -5.26
N ILE A 37 0.67 4.17 -5.02
CA ILE A 37 -0.33 3.50 -4.14
C ILE A 37 -0.17 3.97 -2.69
N SER A 38 1.02 4.37 -2.31
CA SER A 38 1.24 4.84 -0.92
C SER A 38 0.64 6.23 -0.72
N THR A 39 1.11 7.20 -1.45
CA THR A 39 0.58 8.59 -1.31
C THR A 39 -0.95 8.59 -1.38
N MET A 40 -1.53 7.88 -2.31
CA MET A 40 -3.01 7.86 -2.43
C MET A 40 -3.64 7.27 -1.17
N LEU A 41 -2.95 6.35 -0.52
CA LEU A 41 -3.53 5.74 0.72
C LEU A 41 -3.58 6.78 1.85
N LEU A 42 -2.46 7.29 2.25
CA LEU A 42 -2.46 8.30 3.35
C LEU A 42 -3.19 9.56 2.91
N GLU A 43 -3.03 9.96 1.68
CA GLU A 43 -3.74 11.18 1.20
C GLU A 43 -5.23 11.01 1.43
N LEU A 44 -5.69 9.78 1.42
CA LEU A 44 -7.13 9.51 1.64
C LEU A 44 -7.36 9.08 3.10
N GLY A 45 -6.30 8.80 3.82
CA GLY A 45 -6.45 8.37 5.23
C GLY A 45 -6.84 6.90 5.28
N LEU A 46 -6.42 6.14 4.31
CA LEU A 46 -6.77 4.68 4.29
C LEU A 46 -8.19 4.43 4.80
N ARG A 47 -9.06 5.39 4.64
CA ARG A 47 -10.46 5.21 5.12
C ARG A 47 -11.23 4.27 4.20
N VAL A 48 -11.93 4.80 3.23
CA VAL A 48 -12.69 3.92 2.30
C VAL A 48 -11.82 2.74 1.86
N TYR A 49 -10.53 2.90 1.87
CA TYR A 49 -9.63 1.80 1.46
C TYR A 49 -9.92 0.55 2.29
N GLU A 50 -9.86 0.66 3.59
CA GLU A 50 -10.12 -0.50 4.46
C GLU A 50 -11.60 -0.89 4.39
N ALA A 51 -12.47 0.07 4.36
CA ALA A 51 -13.93 -0.26 4.30
C ALA A 51 -14.26 -0.97 2.98
N GLN A 52 -13.68 -0.53 1.91
CA GLN A 52 -13.95 -1.19 0.59
C GLN A 52 -13.90 -2.72 0.74
N MET A 53 -12.80 -3.24 1.19
CA MET A 53 -12.69 -4.72 1.35
C MET A 53 -13.09 -5.12 2.77
N GLU A 54 -13.26 -4.16 3.65
CA GLU A 54 -13.65 -4.49 5.04
C GLU A 54 -12.66 -5.51 5.64
N ARG A 55 -12.89 -5.93 6.85
CA ARG A 55 -11.96 -6.91 7.48
C ARG A 55 -12.71 -7.77 8.51
N ALA A 1 28.25 0.43 18.67
CA ALA A 1 27.04 1.29 18.48
C ALA A 1 25.81 0.64 19.11
N LYS A 2 25.39 1.12 20.24
CA LYS A 2 24.20 0.53 20.92
C LYS A 2 23.00 1.46 20.76
N VAL A 3 22.28 1.33 19.68
CA VAL A 3 21.09 2.21 19.46
C VAL A 3 19.88 1.37 19.01
N GLN A 4 19.18 0.78 19.94
CA GLN A 4 18.01 -0.05 19.56
C GLN A 4 17.02 0.78 18.74
N ALA A 5 15.81 0.31 18.59
CA ALA A 5 14.79 1.07 17.81
C ALA A 5 13.49 0.28 17.72
N TYR A 6 12.60 0.49 18.65
CA TYR A 6 11.30 -0.25 18.62
C TYR A 6 10.31 0.46 17.69
N VAL A 7 10.72 0.74 16.48
CA VAL A 7 9.80 1.41 15.52
C VAL A 7 9.82 0.70 14.17
N SER A 8 8.83 -0.12 13.90
CA SER A 8 8.80 -0.84 12.60
C SER A 8 7.56 -0.44 11.80
N ASP A 9 7.69 0.51 10.92
CA ASP A 9 6.52 0.95 10.11
C ASP A 9 5.99 -0.22 9.27
N GLU A 10 5.26 -1.11 9.88
CA GLU A 10 4.71 -2.28 9.13
C GLU A 10 3.92 -1.79 7.91
N ILE A 11 3.35 -0.62 8.00
CA ILE A 11 2.55 -0.08 6.86
C ILE A 11 3.40 -0.08 5.58
N VAL A 12 4.58 0.48 5.65
CA VAL A 12 5.46 0.53 4.44
C VAL A 12 5.37 -0.80 3.67
N TYR A 13 5.52 -1.90 4.36
CA TYR A 13 5.47 -3.23 3.67
C TYR A 13 4.03 -3.55 3.24
N LYS A 14 3.07 -3.22 4.07
CA LYS A 14 1.65 -3.51 3.70
C LYS A 14 1.32 -2.92 2.33
N ILE A 15 1.95 -1.85 1.96
CA ILE A 15 1.67 -1.23 0.63
C ILE A 15 2.42 -1.99 -0.46
N ASN A 16 3.64 -2.36 -0.20
CA ASN A 16 4.44 -3.10 -1.23
C ASN A 16 3.62 -4.28 -1.78
N LYS A 17 3.00 -5.04 -0.92
CA LYS A 17 2.20 -6.20 -1.40
C LYS A 17 0.88 -5.71 -2.01
N ILE A 18 0.44 -4.54 -1.63
CA ILE A 18 -0.85 -4.02 -2.19
C ILE A 18 -0.63 -3.47 -3.60
N VAL A 19 0.51 -2.88 -3.85
CA VAL A 19 0.79 -2.32 -5.20
C VAL A 19 0.80 -3.46 -6.24
N GLU A 20 1.51 -4.52 -5.98
CA GLU A 20 1.56 -5.64 -6.95
C GLU A 20 0.15 -5.94 -7.50
N ARG A 21 -0.83 -6.00 -6.64
CA ARG A 21 -2.21 -6.28 -7.10
C ARG A 21 -2.52 -5.48 -8.37
N ARG A 22 -2.16 -4.23 -8.38
CA ARG A 22 -2.45 -3.39 -9.59
C ARG A 22 -2.12 -4.17 -10.86
N ARG A 23 -0.90 -4.60 -11.02
CA ARG A 23 -0.53 -5.38 -12.24
C ARG A 23 -1.14 -6.78 -12.17
N ALA A 24 -1.21 -7.35 -10.99
CA ALA A 24 -1.80 -8.72 -10.86
C ALA A 24 -3.17 -8.73 -11.51
N GLU A 25 -3.86 -7.62 -11.51
CA GLU A 25 -5.21 -7.59 -12.13
C GLU A 25 -5.11 -7.15 -13.59
N GLY A 26 -4.04 -6.49 -13.96
CA GLY A 26 -3.89 -6.04 -15.37
C GLY A 26 -3.87 -4.52 -15.43
N ALA A 27 -3.00 -3.89 -14.69
CA ALA A 27 -2.93 -2.40 -14.72
C ALA A 27 -2.85 -1.89 -16.16
N LYS A 28 -2.69 -0.61 -16.33
CA LYS A 28 -2.61 -0.06 -17.72
C LYS A 28 -1.53 1.03 -17.80
N SER A 29 -1.48 1.90 -16.83
CA SER A 29 -0.45 2.97 -16.85
C SER A 29 0.77 2.56 -16.02
N THR A 30 1.93 3.03 -16.39
CA THR A 30 3.14 2.67 -15.61
C THR A 30 3.22 3.47 -14.31
N ASP A 31 2.22 4.28 -14.05
CA ASP A 31 2.22 5.09 -12.80
C ASP A 31 2.31 4.18 -11.58
N VAL A 32 2.08 2.90 -11.75
CA VAL A 32 2.16 1.97 -10.59
C VAL A 32 3.53 2.07 -9.92
N SER A 33 3.56 2.01 -8.61
CA SER A 33 4.85 2.09 -7.88
C SER A 33 4.60 2.24 -6.38
N PHE A 34 5.37 1.58 -5.56
CA PHE A 34 5.15 1.68 -4.09
C PHE A 34 4.90 3.14 -3.70
N SER A 35 5.67 4.05 -4.22
CA SER A 35 5.45 5.48 -3.89
C SER A 35 4.12 5.96 -4.46
N SER A 36 3.70 5.41 -5.58
CA SER A 36 2.41 5.82 -6.20
C SER A 36 1.24 5.27 -5.37
N ILE A 37 1.23 3.98 -5.15
CA ILE A 37 0.12 3.39 -4.35
C ILE A 37 0.12 3.97 -2.94
N SER A 38 1.25 4.44 -2.49
CA SER A 38 1.32 5.02 -1.11
C SER A 38 0.69 6.41 -1.10
N THR A 39 1.24 7.33 -1.83
CA THR A 39 0.68 8.71 -1.86
C THR A 39 -0.83 8.68 -2.13
N MET A 40 -1.27 7.90 -3.07
CA MET A 40 -2.73 7.84 -3.37
C MET A 40 -3.49 7.28 -2.16
N LEU A 41 -2.90 6.39 -1.43
CA LEU A 41 -3.58 5.82 -0.23
C LEU A 41 -3.73 6.89 0.84
N LEU A 42 -2.66 7.60 1.12
CA LEU A 42 -2.72 8.65 2.16
C LEU A 42 -3.87 9.62 1.87
N GLU A 43 -4.31 9.69 0.64
CA GLU A 43 -5.44 10.59 0.32
C GLU A 43 -6.67 10.05 1.02
N LEU A 44 -6.69 8.75 1.18
CA LEU A 44 -7.81 8.09 1.87
C LEU A 44 -7.40 7.75 3.31
N GLY A 45 -6.13 7.88 3.61
CA GLY A 45 -5.66 7.55 4.99
C GLY A 45 -6.00 6.10 5.29
N LEU A 46 -5.99 5.25 4.29
CA LEU A 46 -6.31 3.80 4.51
C LEU A 46 -7.80 3.62 4.87
N ARG A 47 -8.32 4.38 5.79
CA ARG A 47 -9.76 4.23 6.17
C ARG A 47 -10.63 4.09 4.94
N VAL A 48 -10.82 5.15 4.19
CA VAL A 48 -11.69 5.07 2.98
C VAL A 48 -11.19 3.94 2.06
N TYR A 49 -9.90 3.76 1.98
CA TYR A 49 -9.36 2.67 1.11
C TYR A 49 -9.84 1.32 1.61
N GLU A 50 -9.78 1.08 2.90
CA GLU A 50 -10.23 -0.21 3.45
C GLU A 50 -11.74 -0.39 3.25
N ALA A 51 -12.45 0.69 3.09
CA ALA A 51 -13.93 0.59 2.89
C ALA A 51 -14.24 -0.11 1.57
N GLN A 52 -13.45 0.13 0.56
CA GLN A 52 -13.69 -0.53 -0.76
C GLN A 52 -13.10 -1.94 -0.77
N MET A 53 -12.61 -2.40 0.35
CA MET A 53 -12.02 -3.77 0.38
C MET A 53 -13.09 -4.80 0.76
N GLU A 54 -13.50 -4.81 1.99
CA GLU A 54 -14.54 -5.80 2.42
C GLU A 54 -15.12 -5.41 3.79
N ARG A 55 -16.22 -5.99 4.16
CA ARG A 55 -16.83 -5.65 5.48
C ARG A 55 -15.96 -6.20 6.62
N ALA A 1 22.69 4.88 20.27
CA ALA A 1 21.99 6.07 20.83
C ALA A 1 20.75 6.39 19.99
N LYS A 2 20.07 5.39 19.52
CA LYS A 2 18.86 5.64 18.69
C LYS A 2 17.60 5.66 19.56
N VAL A 3 17.14 6.83 19.93
CA VAL A 3 15.92 6.91 20.79
C VAL A 3 14.68 7.10 19.92
N GLN A 4 14.26 6.07 19.23
CA GLN A 4 13.06 6.19 18.37
C GLN A 4 11.89 5.37 18.95
N ALA A 5 10.82 5.25 18.23
CA ALA A 5 9.66 4.47 18.73
C ALA A 5 8.74 4.07 17.58
N TYR A 6 9.11 3.07 16.84
CA TYR A 6 8.27 2.64 15.69
C TYR A 6 7.88 3.84 14.82
N VAL A 7 8.85 4.50 14.25
CA VAL A 7 8.54 5.68 13.39
C VAL A 7 8.81 5.36 11.92
N SER A 8 9.32 4.19 11.64
CA SER A 8 9.61 3.83 10.23
C SER A 8 8.30 3.53 9.48
N ASP A 9 8.25 3.84 8.21
CA ASP A 9 7.01 3.59 7.43
C ASP A 9 6.68 2.09 7.45
N GLU A 10 6.10 1.61 8.52
CA GLU A 10 5.75 0.17 8.61
C GLU A 10 4.78 -0.20 7.49
N ILE A 11 4.01 0.74 7.01
CA ILE A 11 3.03 0.42 5.92
C ILE A 11 3.77 -0.14 4.70
N VAL A 12 4.99 0.26 4.49
CA VAL A 12 5.74 -0.25 3.31
C VAL A 12 5.58 -1.78 3.21
N TYR A 13 5.30 -2.42 4.31
CA TYR A 13 5.13 -3.91 4.29
C TYR A 13 3.81 -4.29 3.61
N LYS A 14 2.71 -3.75 4.09
CA LYS A 14 1.39 -4.09 3.48
C LYS A 14 1.23 -3.40 2.11
N ILE A 15 1.66 -2.17 1.99
CA ILE A 15 1.51 -1.46 0.69
C ILE A 15 2.42 -2.10 -0.36
N ASN A 16 3.32 -2.95 0.06
CA ASN A 16 4.24 -3.60 -0.92
C ASN A 16 3.47 -4.55 -1.82
N LYS A 17 2.60 -5.35 -1.26
CA LYS A 17 1.82 -6.30 -2.10
C LYS A 17 0.73 -5.55 -2.86
N ILE A 18 0.32 -4.41 -2.37
CA ILE A 18 -0.74 -3.63 -3.08
C ILE A 18 -0.27 -3.25 -4.48
N VAL A 19 0.93 -2.75 -4.60
CA VAL A 19 1.44 -2.36 -5.94
C VAL A 19 1.50 -3.59 -6.85
N GLU A 20 2.43 -4.47 -6.61
CA GLU A 20 2.53 -5.69 -7.46
C GLU A 20 1.14 -6.25 -7.78
N ARG A 21 0.28 -6.32 -6.79
CA ARG A 21 -1.09 -6.84 -7.03
C ARG A 21 -1.74 -6.11 -8.22
N ARG A 22 -1.64 -4.80 -8.23
CA ARG A 22 -2.25 -4.03 -9.36
C ARG A 22 -1.93 -4.72 -10.69
N ARG A 23 -0.67 -4.96 -10.96
CA ARG A 23 -0.30 -5.63 -12.24
C ARG A 23 -0.84 -7.06 -12.24
N ALA A 24 -0.52 -7.83 -11.24
CA ALA A 24 -1.03 -9.23 -11.20
C ALA A 24 -2.52 -9.22 -11.54
N GLU A 25 -3.18 -8.14 -11.25
CA GLU A 25 -4.63 -8.04 -11.56
C GLU A 25 -4.84 -7.58 -13.01
N GLY A 26 -3.86 -6.95 -13.59
CA GLY A 26 -4.00 -6.47 -14.99
C GLY A 26 -3.35 -5.08 -15.15
N ALA A 27 -3.27 -4.33 -14.08
CA ALA A 27 -2.65 -2.99 -14.18
C ALA A 27 -1.34 -3.07 -14.97
N LYS A 28 -1.02 -2.06 -15.73
CA LYS A 28 0.24 -2.09 -16.53
C LYS A 28 0.89 -0.70 -16.56
N SER A 29 1.76 -0.47 -17.50
CA SER A 29 2.43 0.85 -17.58
C SER A 29 3.20 1.14 -16.30
N THR A 30 4.02 2.15 -16.31
CA THR A 30 4.80 2.50 -15.09
C THR A 30 3.98 3.41 -14.18
N ASP A 31 2.70 3.17 -14.07
CA ASP A 31 1.85 4.01 -13.20
C ASP A 31 1.71 3.37 -11.82
N VAL A 32 2.01 2.10 -11.71
CA VAL A 32 1.90 1.42 -10.38
C VAL A 32 3.24 1.45 -9.66
N SER A 33 3.23 1.66 -8.37
CA SER A 33 4.50 1.70 -7.59
C SER A 33 4.21 2.10 -6.15
N PHE A 34 4.98 1.62 -5.22
CA PHE A 34 4.73 1.99 -3.79
C PHE A 34 4.46 3.49 -3.68
N SER A 35 5.38 4.30 -4.14
CA SER A 35 5.17 5.78 -4.06
C SER A 35 3.78 6.13 -4.60
N SER A 36 3.34 5.42 -5.61
CA SER A 36 2.00 5.71 -6.19
C SER A 36 0.90 5.08 -5.32
N ILE A 37 1.04 3.82 -5.00
CA ILE A 37 0.00 3.16 -4.15
C ILE A 37 -0.03 3.80 -2.76
N SER A 38 1.09 4.29 -2.30
CA SER A 38 1.13 4.93 -0.96
C SER A 38 0.49 6.32 -1.03
N THR A 39 0.86 7.10 -2.00
CA THR A 39 0.27 8.47 -2.13
C THR A 39 -1.26 8.40 -2.07
N MET A 40 -1.87 7.59 -2.90
CA MET A 40 -3.36 7.49 -2.89
C MET A 40 -3.84 7.00 -1.52
N LEU A 41 -3.05 6.20 -0.85
CA LEU A 41 -3.47 5.68 0.48
C LEU A 41 -3.51 6.82 1.52
N LEU A 42 -2.45 7.59 1.62
CA LEU A 42 -2.43 8.68 2.63
C LEU A 42 -3.40 9.81 2.23
N GLU A 43 -3.40 10.21 1.00
CA GLU A 43 -4.34 11.29 0.58
C GLU A 43 -5.76 10.91 1.00
N LEU A 44 -5.99 9.63 1.15
CA LEU A 44 -7.33 9.16 1.57
C LEU A 44 -7.31 8.82 3.07
N GLY A 45 -6.13 8.64 3.64
CA GLY A 45 -6.06 8.33 5.09
C GLY A 45 -6.28 6.83 5.32
N LEU A 46 -6.16 6.04 4.28
CA LEU A 46 -6.37 4.57 4.46
C LEU A 46 -7.72 4.30 5.12
N ARG A 47 -8.61 5.25 5.10
CA ARG A 47 -9.94 5.05 5.74
C ARG A 47 -10.82 4.13 4.88
N VAL A 48 -11.64 4.69 4.03
CA VAL A 48 -12.52 3.85 3.17
C VAL A 48 -11.77 2.61 2.68
N TYR A 49 -10.51 2.75 2.39
CA TYR A 49 -9.72 1.58 1.90
C TYR A 49 -9.86 0.40 2.87
N GLU A 50 -9.49 0.58 4.11
CA GLU A 50 -9.60 -0.52 5.09
C GLU A 50 -11.06 -0.92 5.30
N ALA A 51 -11.97 0.01 5.09
CA ALA A 51 -13.41 -0.33 5.27
C ALA A 51 -13.89 -1.24 4.13
N GLN A 52 -13.65 -0.85 2.91
CA GLN A 52 -14.10 -1.68 1.76
C GLN A 52 -12.89 -2.08 0.91
N MET A 53 -11.86 -2.60 1.52
CA MET A 53 -10.66 -3.02 0.75
C MET A 53 -11.00 -4.21 -0.15
N GLU A 54 -11.98 -4.99 0.22
CA GLU A 54 -12.37 -6.16 -0.62
C GLU A 54 -11.12 -6.91 -1.09
N ARG A 55 -11.28 -7.84 -1.98
CA ARG A 55 -10.10 -8.61 -2.48
C ARG A 55 -10.51 -9.51 -3.66
N ALA A 1 20.77 -7.15 15.40
CA ALA A 1 19.50 -6.56 14.87
C ALA A 1 19.27 -5.18 15.48
N LYS A 2 19.01 -5.11 16.76
CA LYS A 2 18.78 -3.79 17.40
C LYS A 2 17.64 -3.05 16.69
N VAL A 3 17.33 -1.86 17.13
CA VAL A 3 16.23 -1.09 16.47
C VAL A 3 14.91 -1.87 16.53
N GLN A 4 14.33 -1.96 17.69
CA GLN A 4 13.05 -2.71 17.81
C GLN A 4 13.19 -4.12 17.23
N ALA A 5 12.18 -4.93 17.35
CA ALA A 5 12.26 -6.31 16.80
C ALA A 5 11.07 -6.59 15.88
N TYR A 6 11.18 -6.22 14.62
CA TYR A 6 10.04 -6.47 13.68
C TYR A 6 8.73 -5.98 14.30
N VAL A 7 8.46 -4.71 14.24
CA VAL A 7 7.20 -4.17 14.83
C VAL A 7 7.08 -2.67 14.55
N SER A 8 7.41 -2.25 13.35
CA SER A 8 7.31 -0.80 13.02
C SER A 8 6.15 -0.54 12.06
N ASP A 9 6.14 0.58 11.42
CA ASP A 9 5.03 0.89 10.46
C ASP A 9 4.99 -0.16 9.35
N GLU A 10 4.41 -1.30 9.63
CA GLU A 10 4.33 -2.37 8.59
C GLU A 10 3.48 -1.89 7.41
N ILE A 11 2.82 -0.78 7.55
CA ILE A 11 1.97 -0.26 6.43
C ILE A 11 2.78 -0.21 5.14
N VAL A 12 3.97 0.32 5.19
CA VAL A 12 4.81 0.40 3.96
C VAL A 12 4.76 -0.94 3.20
N TYR A 13 4.85 -2.03 3.91
CA TYR A 13 4.81 -3.36 3.25
C TYR A 13 3.39 -3.66 2.75
N LYS A 14 2.40 -3.29 3.50
CA LYS A 14 0.99 -3.56 3.07
C LYS A 14 0.71 -2.90 1.72
N ILE A 15 1.34 -1.80 1.45
CA ILE A 15 1.10 -1.11 0.14
C ILE A 15 1.83 -1.85 -0.99
N ASN A 16 3.01 -2.33 -0.72
CA ASN A 16 3.77 -3.06 -1.79
C ASN A 16 2.87 -4.11 -2.44
N LYS A 17 2.01 -4.74 -1.69
CA LYS A 17 1.12 -5.77 -2.27
C LYS A 17 0.01 -5.11 -3.10
N ILE A 18 -0.29 -3.87 -2.83
CA ILE A 18 -1.36 -3.18 -3.60
C ILE A 18 -0.91 -2.94 -5.04
N VAL A 19 0.25 -2.34 -5.21
CA VAL A 19 0.75 -2.09 -6.60
C VAL A 19 0.98 -3.41 -7.33
N GLU A 20 1.60 -4.36 -6.69
CA GLU A 20 1.86 -5.67 -7.34
C GLU A 20 0.54 -6.34 -7.73
N ARG A 21 -0.48 -6.20 -6.93
CA ARG A 21 -1.79 -6.84 -7.26
C ARG A 21 -2.11 -6.65 -8.74
N ARG A 22 -1.97 -5.47 -9.24
CA ARG A 22 -2.28 -5.24 -10.69
C ARG A 22 -1.66 -6.37 -11.53
N ARG A 23 -0.42 -6.69 -11.28
CA ARG A 23 0.23 -7.79 -12.05
C ARG A 23 -0.30 -9.14 -11.58
N ALA A 24 -0.36 -9.34 -10.30
CA ALA A 24 -0.89 -10.65 -9.78
C ALA A 24 -2.32 -10.86 -10.30
N GLU A 25 -2.94 -9.84 -10.80
CA GLU A 25 -4.32 -9.99 -11.31
C GLU A 25 -4.41 -9.59 -12.79
N GLY A 26 -3.33 -9.15 -13.38
CA GLY A 26 -3.38 -8.76 -14.82
C GLY A 26 -2.52 -7.51 -15.05
N ALA A 27 -1.25 -7.61 -14.83
CA ALA A 27 -0.36 -6.44 -15.04
C ALA A 27 -0.73 -5.69 -16.32
N LYS A 28 -0.71 -4.39 -16.27
CA LYS A 28 -1.06 -3.58 -17.47
C LYS A 28 -0.92 -2.09 -17.14
N SER A 29 -1.71 -1.62 -16.21
CA SER A 29 -1.62 -0.19 -15.81
C SER A 29 -0.94 -0.08 -14.45
N THR A 30 0.07 -0.87 -14.22
CA THR A 30 0.79 -0.85 -12.92
C THR A 30 2.11 -0.08 -13.06
N ASP A 31 2.27 0.62 -14.14
CA ASP A 31 3.53 1.40 -14.34
C ASP A 31 3.86 2.18 -13.07
N VAL A 32 2.87 2.47 -12.27
CA VAL A 32 3.13 3.22 -11.00
C VAL A 32 4.15 2.47 -10.14
N SER A 33 4.15 2.73 -8.86
CA SER A 33 5.11 2.03 -7.96
C SER A 33 4.75 2.28 -6.49
N PHE A 34 5.68 2.12 -5.61
CA PHE A 34 5.39 2.36 -4.17
C PHE A 34 5.09 3.83 -3.92
N SER A 35 6.07 4.68 -4.02
CA SER A 35 5.84 6.13 -3.79
C SER A 35 4.58 6.58 -4.54
N SER A 36 4.30 5.99 -5.67
CA SER A 36 3.08 6.38 -6.42
C SER A 36 1.83 5.85 -5.71
N ILE A 37 1.70 4.55 -5.62
CA ILE A 37 0.50 3.97 -4.95
C ILE A 37 0.53 4.30 -3.45
N SER A 38 1.62 4.86 -2.98
CA SER A 38 1.71 5.20 -1.53
C SER A 38 0.76 6.35 -1.19
N THR A 39 1.05 7.53 -1.66
CA THR A 39 0.17 8.70 -1.36
C THR A 39 -1.30 8.29 -1.48
N MET A 40 -1.59 7.36 -2.35
CA MET A 40 -3.01 6.92 -2.50
C MET A 40 -3.64 6.65 -1.14
N LEU A 41 -3.16 5.66 -0.44
CA LEU A 41 -3.74 5.35 0.90
C LEU A 41 -3.77 6.60 1.78
N LEU A 42 -2.64 7.23 1.97
CA LEU A 42 -2.61 8.45 2.82
C LEU A 42 -3.64 9.47 2.32
N GLU A 43 -3.79 9.59 1.03
CA GLU A 43 -4.79 10.56 0.50
C GLU A 43 -6.17 10.14 0.97
N LEU A 44 -6.31 8.91 1.34
CA LEU A 44 -7.62 8.40 1.83
C LEU A 44 -7.62 8.35 3.36
N GLY A 45 -6.50 8.63 3.98
CA GLY A 45 -6.44 8.59 5.46
C GLY A 45 -6.37 7.14 5.93
N LEU A 46 -6.25 6.22 5.01
CA LEU A 46 -6.19 4.76 5.37
C LEU A 46 -7.57 4.21 5.71
N ARG A 47 -8.54 5.07 5.94
CA ARG A 47 -9.90 4.57 6.28
C ARG A 47 -10.60 4.05 5.01
N VAL A 48 -11.11 4.93 4.20
CA VAL A 48 -11.79 4.50 2.96
C VAL A 48 -10.97 3.42 2.25
N TYR A 49 -9.67 3.55 2.28
CA TYR A 49 -8.80 2.53 1.61
C TYR A 49 -9.31 1.12 1.93
N GLU A 50 -9.37 0.78 3.18
CA GLU A 50 -9.84 -0.57 3.56
C GLU A 50 -11.29 -0.77 3.14
N ALA A 51 -12.07 0.29 3.10
CA ALA A 51 -13.49 0.16 2.70
C ALA A 51 -13.59 -0.28 1.23
N GLN A 52 -12.59 0.02 0.45
CA GLN A 52 -12.62 -0.38 -0.99
C GLN A 52 -12.94 -1.87 -1.12
N MET A 53 -12.27 -2.69 -0.35
CA MET A 53 -12.53 -4.16 -0.44
C MET A 53 -12.48 -4.62 -1.90
N GLU A 54 -11.71 -3.94 -2.71
CA GLU A 54 -11.62 -4.33 -4.15
C GLU A 54 -10.78 -5.61 -4.30
N ARG A 55 -10.84 -6.24 -5.44
CA ARG A 55 -10.04 -7.48 -5.66
C ARG A 55 -8.83 -7.19 -6.54
N ALA A 1 2.46 -7.28 23.53
CA ALA A 1 2.17 -7.54 22.09
C ALA A 1 1.80 -6.24 21.38
N LYS A 2 2.20 -6.08 20.15
CA LYS A 2 1.86 -4.83 19.40
C LYS A 2 2.52 -3.63 20.09
N VAL A 3 3.39 -2.95 19.39
CA VAL A 3 4.07 -1.76 19.99
C VAL A 3 3.51 -0.48 19.37
N GLN A 4 2.56 -0.59 18.49
CA GLN A 4 1.98 0.62 17.85
C GLN A 4 3.09 1.46 17.20
N ALA A 5 2.74 2.39 16.36
CA ALA A 5 3.77 3.23 15.69
C ALA A 5 3.11 4.28 14.80
N TYR A 6 2.22 5.06 15.35
CA TYR A 6 1.54 6.11 14.55
C TYR A 6 0.93 5.49 13.28
N VAL A 7 -0.37 5.32 13.27
CA VAL A 7 -1.03 4.73 12.08
C VAL A 7 -0.56 3.29 11.85
N SER A 8 0.67 3.11 11.44
CA SER A 8 1.18 1.73 11.20
C SER A 8 2.69 1.77 10.90
N ASP A 9 3.46 0.96 11.57
CA ASP A 9 4.92 0.94 11.33
C ASP A 9 5.24 0.27 9.98
N GLU A 10 5.03 -1.02 9.89
CA GLU A 10 5.32 -1.74 8.61
C GLU A 10 4.31 -1.33 7.54
N ILE A 11 4.51 -0.21 6.91
CA ILE A 11 3.56 0.23 5.84
C ILE A 11 3.97 -0.36 4.49
N VAL A 12 5.23 -0.66 4.32
CA VAL A 12 5.68 -1.22 3.02
C VAL A 12 5.19 -2.66 2.86
N TYR A 13 5.00 -3.36 3.95
CA TYR A 13 4.53 -4.77 3.85
C TYR A 13 3.05 -4.80 3.42
N LYS A 14 2.21 -4.08 4.11
CA LYS A 14 0.76 -4.08 3.74
C LYS A 14 0.57 -3.48 2.34
N ILE A 15 1.10 -2.31 2.10
CA ILE A 15 0.94 -1.67 0.77
C ILE A 15 1.55 -2.56 -0.31
N ASN A 16 2.66 -3.18 -0.02
CA ASN A 16 3.32 -4.06 -1.02
C ASN A 16 2.29 -4.98 -1.70
N LYS A 17 1.19 -5.22 -1.06
CA LYS A 17 0.16 -6.11 -1.69
C LYS A 17 -0.57 -5.36 -2.80
N ILE A 18 -1.28 -4.32 -2.47
CA ILE A 18 -2.01 -3.55 -3.52
C ILE A 18 -1.06 -3.25 -4.68
N VAL A 19 0.08 -2.69 -4.41
CA VAL A 19 1.05 -2.36 -5.50
C VAL A 19 1.32 -3.60 -6.35
N GLU A 20 1.95 -4.60 -5.79
CA GLU A 20 2.25 -5.84 -6.56
C GLU A 20 0.99 -6.35 -7.26
N ARG A 21 -0.12 -6.37 -6.57
CA ARG A 21 -1.38 -6.86 -7.19
C ARG A 21 -1.56 -6.23 -8.57
N ARG A 22 -1.49 -4.93 -8.66
CA ARG A 22 -1.66 -4.27 -9.98
C ARG A 22 -0.80 -4.96 -11.04
N ARG A 23 0.47 -5.10 -10.80
CA ARG A 23 1.35 -5.78 -11.79
C ARG A 23 1.08 -7.28 -11.77
N ALA A 24 0.87 -7.84 -10.60
CA ALA A 24 0.60 -9.30 -10.52
C ALA A 24 -0.44 -9.67 -11.58
N GLU A 25 -1.42 -8.82 -11.80
CA GLU A 25 -2.45 -9.12 -12.82
C GLU A 25 -1.93 -8.80 -14.22
N GLY A 26 -0.91 -7.98 -14.32
CA GLY A 26 -0.36 -7.64 -15.67
C GLY A 26 -0.52 -6.13 -15.92
N ALA A 27 -0.39 -5.33 -14.90
CA ALA A 27 -0.52 -3.86 -15.09
C ALA A 27 0.62 -3.33 -15.97
N LYS A 28 0.69 -2.05 -16.17
CA LYS A 28 1.78 -1.48 -17.00
C LYS A 28 1.94 0.02 -16.72
N SER A 29 2.60 0.73 -17.59
CA SER A 29 2.80 2.19 -17.37
C SER A 29 3.61 2.42 -16.09
N THR A 30 4.43 3.45 -16.08
CA THR A 30 5.25 3.72 -14.86
C THR A 30 4.44 4.53 -13.85
N ASP A 31 3.15 4.63 -14.04
CA ASP A 31 2.30 5.39 -13.08
C ASP A 31 2.15 4.62 -11.77
N VAL A 32 2.34 3.33 -11.81
CA VAL A 32 2.21 2.52 -10.56
C VAL A 32 3.56 2.45 -9.83
N SER A 33 3.54 2.53 -8.53
CA SER A 33 4.82 2.46 -7.76
C SER A 33 4.52 2.51 -6.26
N PHE A 34 5.30 1.81 -5.48
CA PHE A 34 5.06 1.81 -4.00
C PHE A 34 4.77 3.24 -3.52
N SER A 35 5.42 4.21 -4.09
CA SER A 35 5.19 5.63 -3.68
C SER A 35 3.86 6.12 -4.26
N SER A 36 3.61 5.84 -5.51
CA SER A 36 2.33 6.29 -6.14
C SER A 36 1.14 5.65 -5.43
N ILE A 37 1.14 4.35 -5.31
CA ILE A 37 0.00 3.66 -4.63
C ILE A 37 -0.21 4.24 -3.23
N SER A 38 0.85 4.57 -2.54
CA SER A 38 0.70 5.14 -1.18
C SER A 38 0.02 6.51 -1.28
N THR A 39 0.28 7.23 -2.33
CA THR A 39 -0.35 8.58 -2.50
C THR A 39 -1.87 8.49 -2.31
N MET A 40 -2.56 7.87 -3.22
CA MET A 40 -4.05 7.77 -3.09
C MET A 40 -4.42 7.22 -1.71
N LEU A 41 -3.63 6.33 -1.18
CA LEU A 41 -3.95 5.75 0.16
C LEU A 41 -3.79 6.81 1.25
N LEU A 42 -2.61 7.33 1.43
CA LEU A 42 -2.43 8.35 2.50
C LEU A 42 -3.08 9.68 2.10
N GLU A 43 -3.70 9.74 0.96
CA GLU A 43 -4.36 11.01 0.55
C GLU A 43 -5.68 11.12 1.33
N LEU A 44 -6.35 10.02 1.50
CA LEU A 44 -7.62 10.04 2.24
C LEU A 44 -7.42 9.54 3.68
N GLY A 45 -6.23 9.08 4.01
CA GLY A 45 -5.96 8.60 5.40
C GLY A 45 -6.05 7.07 5.45
N LEU A 46 -5.69 6.40 4.39
CA LEU A 46 -5.75 4.90 4.40
C LEU A 46 -7.04 4.42 5.08
N ARG A 47 -8.07 5.22 5.10
CA ARG A 47 -9.33 4.78 5.76
C ARG A 47 -10.07 3.76 4.90
N VAL A 48 -10.70 4.20 3.85
CA VAL A 48 -11.45 3.25 2.97
C VAL A 48 -10.52 2.11 2.53
N TYR A 49 -9.29 2.41 2.24
CA TYR A 49 -8.34 1.35 1.82
C TYR A 49 -8.43 0.15 2.76
N GLU A 50 -8.26 0.37 4.03
CA GLU A 50 -8.34 -0.74 5.00
C GLU A 50 -9.73 -1.38 4.96
N ALA A 51 -10.74 -0.60 4.69
CA ALA A 51 -12.12 -1.17 4.63
C ALA A 51 -12.36 -1.85 3.28
N GLN A 52 -12.28 -1.11 2.21
CA GLN A 52 -12.50 -1.70 0.87
C GLN A 52 -11.38 -2.68 0.51
N MET A 53 -10.21 -2.49 1.06
CA MET A 53 -9.08 -3.40 0.74
C MET A 53 -8.95 -3.57 -0.77
N GLU A 54 -9.37 -2.58 -1.52
CA GLU A 54 -9.28 -2.68 -3.00
C GLU A 54 -9.86 -4.01 -3.49
N ARG A 55 -9.75 -4.29 -4.76
CA ARG A 55 -10.30 -5.57 -5.30
C ARG A 55 -9.42 -6.10 -6.42
N ALA A 1 22.32 -4.29 8.68
CA ALA A 1 21.63 -3.37 7.73
C ALA A 1 20.61 -2.51 8.48
N LYS A 2 19.64 -1.97 7.79
CA LYS A 2 18.62 -1.12 8.45
C LYS A 2 17.30 -1.17 7.68
N VAL A 3 16.55 -2.23 7.84
CA VAL A 3 15.26 -2.35 7.11
C VAL A 3 14.10 -1.82 7.98
N GLN A 4 13.04 -1.38 7.38
CA GLN A 4 11.89 -0.85 8.16
C GLN A 4 12.39 0.11 9.23
N ALA A 5 11.56 0.44 10.19
CA ALA A 5 11.99 1.38 11.27
C ALA A 5 10.82 1.70 12.20
N TYR A 6 10.93 1.35 13.45
CA TYR A 6 9.83 1.64 14.41
C TYR A 6 9.32 3.07 14.22
N VAL A 7 8.08 3.33 14.53
CA VAL A 7 7.54 4.71 14.37
C VAL A 7 7.78 5.21 12.94
N SER A 8 6.95 4.83 12.01
CA SER A 8 7.13 5.29 10.61
C SER A 8 5.97 4.80 9.75
N ASP A 9 5.95 5.18 8.50
CA ASP A 9 4.84 4.74 7.59
C ASP A 9 4.83 3.22 7.49
N GLU A 10 4.29 2.56 8.48
CA GLU A 10 4.24 1.07 8.44
C GLU A 10 3.48 0.60 7.21
N ILE A 11 2.74 1.47 6.58
CA ILE A 11 1.96 1.08 5.38
C ILE A 11 2.90 0.50 4.32
N VAL A 12 4.16 0.81 4.39
CA VAL A 12 5.12 0.27 3.37
C VAL A 12 4.95 -1.25 3.24
N TYR A 13 4.82 -1.95 4.34
CA TYR A 13 4.66 -3.42 4.27
C TYR A 13 3.26 -3.78 3.75
N LYS A 14 2.25 -3.10 4.21
CA LYS A 14 0.87 -3.41 3.75
C LYS A 14 0.64 -2.92 2.32
N ILE A 15 1.02 -1.71 2.02
CA ILE A 15 0.82 -1.19 0.64
C ILE A 15 1.55 -2.06 -0.38
N ASN A 16 2.67 -2.62 -0.01
CA ASN A 16 3.43 -3.48 -0.96
C ASN A 16 2.53 -4.57 -1.54
N LYS A 17 2.07 -5.46 -0.71
CA LYS A 17 1.18 -6.57 -1.22
C LYS A 17 -0.04 -5.98 -1.93
N ILE A 18 -0.41 -4.77 -1.62
CA ILE A 18 -1.59 -4.16 -2.29
C ILE A 18 -1.25 -3.75 -3.72
N VAL A 19 -0.34 -2.82 -3.89
CA VAL A 19 0.03 -2.39 -5.26
C VAL A 19 0.43 -3.59 -6.11
N GLU A 20 1.23 -4.46 -5.58
CA GLU A 20 1.67 -5.66 -6.36
C GLU A 20 0.48 -6.50 -6.80
N ARG A 21 -0.30 -6.98 -5.87
CA ARG A 21 -1.47 -7.84 -6.25
C ARG A 21 -2.18 -7.26 -7.47
N ARG A 22 -2.52 -6.00 -7.44
CA ARG A 22 -3.22 -5.40 -8.60
C ARG A 22 -2.55 -5.84 -9.91
N ARG A 23 -1.38 -5.35 -10.18
CA ARG A 23 -0.68 -5.76 -11.43
C ARG A 23 -0.34 -7.26 -11.34
N ALA A 24 -0.04 -7.74 -10.16
CA ALA A 24 0.30 -9.18 -10.01
C ALA A 24 -0.70 -9.99 -10.82
N GLU A 25 -1.93 -9.56 -10.87
CA GLU A 25 -2.94 -10.30 -11.65
C GLU A 25 -2.93 -9.80 -13.09
N GLY A 26 -2.50 -8.58 -13.29
CA GLY A 26 -2.47 -8.02 -14.68
C GLY A 26 -3.88 -8.05 -15.24
N ALA A 27 -4.86 -7.79 -14.43
CA ALA A 27 -6.27 -7.85 -14.91
C ALA A 27 -6.78 -6.47 -15.30
N LYS A 28 -5.91 -5.61 -15.77
CA LYS A 28 -6.33 -4.23 -16.19
C LYS A 28 -5.12 -3.31 -16.23
N SER A 29 -5.35 -2.02 -16.24
CA SER A 29 -4.22 -1.06 -16.27
C SER A 29 -3.80 -0.73 -14.84
N THR A 30 -3.84 -1.70 -13.97
CA THR A 30 -3.46 -1.46 -12.55
C THR A 30 -1.96 -1.68 -12.38
N ASP A 31 -1.18 -1.23 -13.33
CA ASP A 31 0.29 -1.41 -13.24
C ASP A 31 0.92 -0.27 -12.42
N VAL A 32 0.12 0.38 -11.62
CA VAL A 32 0.65 1.50 -10.76
C VAL A 32 1.83 1.00 -9.91
N SER A 33 2.12 1.69 -8.84
CA SER A 33 3.27 1.26 -7.98
C SER A 33 3.10 1.83 -6.57
N PHE A 34 4.03 1.56 -5.69
CA PHE A 34 3.93 2.09 -4.31
C PHE A 34 3.96 3.62 -4.33
N SER A 35 4.98 4.20 -4.93
CA SER A 35 5.06 5.68 -4.98
C SER A 35 3.70 6.28 -5.32
N SER A 36 2.99 5.67 -6.24
CA SER A 36 1.66 6.20 -6.61
C SER A 36 0.60 5.76 -5.60
N ILE A 37 0.58 4.48 -5.28
CA ILE A 37 -0.43 3.99 -4.29
C ILE A 37 -0.13 4.54 -2.90
N SER A 38 1.06 5.03 -2.68
CA SER A 38 1.40 5.58 -1.33
C SER A 38 0.73 6.95 -1.12
N THR A 39 1.18 7.95 -1.83
CA THR A 39 0.58 9.31 -1.68
C THR A 39 -0.95 9.21 -1.55
N MET A 40 -1.57 8.39 -2.36
CA MET A 40 -3.06 8.27 -2.28
C MET A 40 -3.47 7.49 -1.03
N LEU A 41 -2.62 6.65 -0.53
CA LEU A 41 -2.97 5.87 0.69
C LEU A 41 -3.05 6.78 1.91
N LEU A 42 -2.04 7.56 2.16
CA LEU A 42 -2.06 8.47 3.35
C LEU A 42 -3.13 9.54 3.16
N GLU A 43 -3.27 10.08 1.97
CA GLU A 43 -4.29 11.13 1.74
C GLU A 43 -5.67 10.55 2.06
N LEU A 44 -5.82 9.26 1.91
CA LEU A 44 -7.13 8.61 2.20
C LEU A 44 -7.07 7.93 3.57
N GLY A 45 -5.99 8.11 4.30
CA GLY A 45 -5.89 7.47 5.64
C GLY A 45 -6.02 5.96 5.48
N LEU A 46 -5.69 5.45 4.32
CA LEU A 46 -5.80 3.98 4.07
C LEU A 46 -7.27 3.54 4.03
N ARG A 47 -8.18 4.47 4.15
CA ARG A 47 -9.63 4.09 4.11
C ARG A 47 -10.06 3.78 2.66
N VAL A 48 -9.26 4.17 1.70
CA VAL A 48 -9.63 3.90 0.28
C VAL A 48 -10.15 2.47 0.12
N TYR A 49 -9.29 1.53 -0.16
CA TYR A 49 -9.76 0.12 -0.33
C TYR A 49 -10.44 -0.37 0.95
N GLU A 50 -9.99 0.12 2.08
CA GLU A 50 -10.61 -0.30 3.36
C GLU A 50 -12.09 0.09 3.40
N ALA A 51 -12.48 1.03 2.59
CA ALA A 51 -13.91 1.46 2.59
C ALA A 51 -14.78 0.39 1.91
N GLN A 52 -14.53 0.12 0.66
CA GLN A 52 -15.34 -0.91 -0.06
C GLN A 52 -15.18 -2.27 0.63
N MET A 53 -14.13 -2.45 1.38
CA MET A 53 -13.93 -3.75 2.07
C MET A 53 -13.92 -4.90 1.06
N GLU A 54 -13.27 -4.72 -0.05
CA GLU A 54 -13.24 -5.80 -1.08
C GLU A 54 -12.33 -6.94 -0.62
N ARG A 55 -12.10 -7.90 -1.46
CA ARG A 55 -11.23 -9.04 -1.06
C ARG A 55 -10.61 -9.70 -2.30
N ALA A 1 11.73 -12.57 22.55
CA ALA A 1 12.12 -11.14 22.78
C ALA A 1 12.79 -10.58 21.52
N LYS A 2 12.28 -9.51 21.00
CA LYS A 2 12.89 -8.91 19.77
C LYS A 2 12.30 -7.52 19.51
N VAL A 3 13.11 -6.50 19.59
CA VAL A 3 12.59 -5.12 19.34
C VAL A 3 11.95 -5.03 17.96
N GLN A 4 10.69 -4.68 17.89
CA GLN A 4 10.01 -4.58 16.57
C GLN A 4 9.72 -3.12 16.25
N ALA A 5 10.51 -2.25 16.77
CA ALA A 5 10.32 -0.80 16.52
C ALA A 5 9.00 -0.33 17.14
N TYR A 6 9.06 0.65 18.01
CA TYR A 6 7.81 1.16 18.65
C TYR A 6 6.83 1.65 17.59
N VAL A 7 5.65 1.08 17.54
CA VAL A 7 4.63 1.51 16.53
C VAL A 7 5.30 1.95 15.23
N SER A 8 5.69 1.02 14.41
CA SER A 8 6.34 1.38 13.12
C SER A 8 5.34 1.23 11.96
N ASP A 9 5.45 2.07 10.97
CA ASP A 9 4.51 1.98 9.81
C ASP A 9 4.62 0.61 9.14
N GLU A 10 4.03 -0.40 9.72
CA GLU A 10 4.11 -1.75 9.12
C GLU A 10 3.36 -1.77 7.77
N ILE A 11 2.55 -0.78 7.53
CA ILE A 11 1.80 -0.75 6.24
C ILE A 11 2.77 -0.56 5.07
N VAL A 12 3.86 0.12 5.29
CA VAL A 12 4.85 0.34 4.19
C VAL A 12 5.08 -0.96 3.42
N TYR A 13 5.12 -2.07 4.13
CA TYR A 13 5.36 -3.37 3.44
C TYR A 13 4.11 -3.79 2.66
N LYS A 14 2.95 -3.58 3.22
CA LYS A 14 1.70 -3.97 2.50
C LYS A 14 1.49 -3.08 1.28
N ILE A 15 1.74 -1.81 1.41
CA ILE A 15 1.56 -0.88 0.25
C ILE A 15 2.13 -1.51 -1.02
N ASN A 16 3.33 -2.04 -0.95
CA ASN A 16 3.95 -2.66 -2.15
C ASN A 16 3.25 -3.98 -2.51
N LYS A 17 2.57 -4.57 -1.56
CA LYS A 17 1.87 -5.85 -1.83
C LYS A 17 0.60 -5.61 -2.65
N ILE A 18 0.03 -4.44 -2.54
CA ILE A 18 -1.21 -4.14 -3.32
C ILE A 18 -0.87 -3.84 -4.78
N VAL A 19 0.09 -2.98 -5.01
CA VAL A 19 0.47 -2.66 -6.41
C VAL A 19 0.92 -3.93 -7.15
N GLU A 20 1.80 -4.69 -6.55
CA GLU A 20 2.27 -5.95 -7.20
C GLU A 20 1.10 -6.89 -7.47
N ARG A 21 0.35 -7.25 -6.46
CA ARG A 21 -0.80 -8.17 -6.68
C ARG A 21 -1.64 -7.72 -7.87
N ARG A 22 -2.00 -6.47 -7.92
CA ARG A 22 -2.83 -5.97 -9.05
C ARG A 22 -2.18 -6.38 -10.38
N ARG A 23 -1.06 -5.80 -10.71
CA ARG A 23 -0.40 -6.17 -12.00
C ARG A 23 0.02 -7.63 -11.96
N ALA A 24 0.35 -8.13 -10.80
CA ALA A 24 0.76 -9.56 -10.70
C ALA A 24 -0.24 -10.40 -11.50
N GLU A 25 -1.51 -10.18 -11.29
CA GLU A 25 -2.53 -10.96 -12.04
C GLU A 25 -2.70 -10.34 -13.44
N GLY A 26 -2.27 -9.11 -13.60
CA GLY A 26 -2.41 -8.45 -14.93
C GLY A 26 -3.89 -8.31 -15.28
N ALA A 27 -4.73 -8.27 -14.29
CA ALA A 27 -6.20 -8.16 -14.56
C ALA A 27 -6.71 -6.79 -14.12
N LYS A 28 -5.97 -5.75 -14.36
CA LYS A 28 -6.45 -4.40 -13.95
C LYS A 28 -5.41 -3.33 -14.32
N SER A 29 -5.81 -2.10 -14.37
CA SER A 29 -4.85 -1.01 -14.71
C SER A 29 -4.16 -0.51 -13.44
N THR A 30 -3.81 -1.40 -12.57
CA THR A 30 -3.13 -1.00 -11.30
C THR A 30 -1.65 -1.36 -11.39
N ASP A 31 -1.02 -1.10 -12.51
CA ASP A 31 0.42 -1.43 -12.65
C ASP A 31 1.29 -0.33 -12.04
N VAL A 32 0.69 0.56 -11.28
CA VAL A 32 1.46 1.67 -10.65
C VAL A 32 2.58 1.10 -9.79
N SER A 33 2.97 1.82 -8.78
CA SER A 33 4.07 1.34 -7.89
C SER A 33 3.84 1.82 -6.45
N PHE A 34 4.88 1.94 -5.68
CA PHE A 34 4.72 2.41 -4.28
C PHE A 34 4.36 3.90 -4.25
N SER A 35 5.24 4.74 -4.71
CA SER A 35 4.97 6.21 -4.70
C SER A 35 3.51 6.49 -5.08
N SER A 36 2.99 5.78 -6.03
CA SER A 36 1.57 6.01 -6.43
C SER A 36 0.62 5.47 -5.37
N ILE A 37 0.45 4.18 -5.32
CA ILE A 37 -0.46 3.58 -4.31
C ILE A 37 -0.10 4.08 -2.89
N SER A 38 1.16 4.31 -2.64
CA SER A 38 1.57 4.80 -1.29
C SER A 38 0.81 6.09 -0.95
N THR A 39 1.24 7.19 -1.47
CA THR A 39 0.56 8.48 -1.17
C THR A 39 -0.96 8.30 -1.19
N MET A 40 -1.47 7.60 -2.17
CA MET A 40 -2.95 7.38 -2.25
C MET A 40 -3.49 6.96 -0.88
N LEU A 41 -2.98 5.87 -0.34
CA LEU A 41 -3.48 5.40 0.98
C LEU A 41 -3.54 6.56 1.98
N LEU A 42 -2.42 7.17 2.27
CA LEU A 42 -2.41 8.29 3.24
C LEU A 42 -3.31 9.42 2.76
N GLU A 43 -3.28 9.73 1.49
CA GLU A 43 -4.16 10.82 0.98
C GLU A 43 -5.61 10.45 1.22
N LEU A 44 -5.86 9.19 1.45
CA LEU A 44 -7.25 8.73 1.70
C LEU A 44 -7.46 8.52 3.21
N GLY A 45 -6.42 8.68 3.98
CA GLY A 45 -6.56 8.49 5.45
C GLY A 45 -6.58 6.99 5.77
N LEU A 46 -6.26 6.17 4.80
CA LEU A 46 -6.26 4.68 5.02
C LEU A 46 -7.69 4.11 5.00
N ARG A 47 -8.65 4.82 5.52
CA ARG A 47 -10.05 4.30 5.53
C ARG A 47 -10.65 4.38 4.12
N VAL A 48 -10.84 5.57 3.62
CA VAL A 48 -11.42 5.71 2.25
C VAL A 48 -10.81 4.68 1.29
N TYR A 49 -9.59 4.29 1.54
CA TYR A 49 -8.94 3.28 0.64
C TYR A 49 -9.92 2.14 0.34
N GLU A 50 -10.37 1.45 1.35
CA GLU A 50 -11.31 0.32 1.13
C GLU A 50 -12.55 0.81 0.38
N ALA A 51 -12.77 2.09 0.33
CA ALA A 51 -13.97 2.63 -0.36
C ALA A 51 -13.74 2.63 -1.89
N GLN A 52 -12.54 2.37 -2.32
CA GLN A 52 -12.27 2.36 -3.78
C GLN A 52 -12.49 0.96 -4.37
N MET A 53 -12.90 0.03 -3.56
CA MET A 53 -13.14 -1.35 -4.07
C MET A 53 -14.63 -1.62 -4.22
N GLU A 54 -15.41 -0.61 -4.45
CA GLU A 54 -16.88 -0.81 -4.62
C GLU A 54 -17.35 -0.27 -5.97
N ARG A 55 -18.50 -0.68 -6.41
CA ARG A 55 -19.01 -0.19 -7.73
C ARG A 55 -20.41 -0.74 -8.00
#